data_6C9S
#
_entry.id   6C9S
#
_cell.length_a   49.910
_cell.length_b   49.910
_cell.length_c   264.377
_cell.angle_alpha   90.00
_cell.angle_beta   90.00
_cell.angle_gamma   90.00
#
_symmetry.space_group_name_H-M   'P 41'
#
loop_
_entity.id
_entity.type
_entity.pdbx_description
1 polymer 'Adenosine kinase'
2 non-polymer "6-[([1,1'-biphenyl]-4-yl)ethynyl]-9-beta-D-ribofuranosyl-9H-purine"
3 non-polymer 'SULFATE ION'
4 non-polymer 'SODIUM ION'
5 water water
#
_entity_poly.entity_id   1
_entity_poly.type   'polypeptide(L)'
_entity_poly.pdbx_seq_one_letter_code
;MTIAVTGSIATDHLMRFPGRFSEQLLPEHLHKVSLSFLVDDLVMHRGGVAGNMAFAIGVLGGEVALVGAAGADFADYRDW
LKARGVNCDHVLISETAHTARFTCTTDVDMAQIASFYPGAMSEARNIKLADVVSAIGKPELVIIGANDPEAMFLHTEECR
KLGLAFAADPSQQLARLSGEEIRRLVNGAAYLFTNDYEWDLLLSKTGWSEADVMAQIDLRVTTLGPKGVDLVEPDGTTIH
VGVVPETSQTDPTGVGDAFRAGFLTGRSAGLGLERSAQLGSLVAVLVLESTGTQEWQWDYEAAASRLAGAYGEHAAAEIV
AVLA
;
_entity_poly.pdbx_strand_id   A,B
#
loop_
_chem_comp.id
_chem_comp.type
_chem_comp.name
_chem_comp.formula
ERP non-polymer 6-[([1,1'-biphenyl]-4-yl)ethynyl]-9-beta-D-ribofuranosyl-9H-purine 'C24 H20 N4 O4'
NA non-polymer 'SODIUM ION' 'Na 1'
SO4 non-polymer 'SULFATE ION' 'O4 S -2'
#
# COMPACT_ATOMS: atom_id res chain seq x y z
N THR A 2 -16.81 27.54 -17.19
CA THR A 2 -16.93 26.86 -15.91
C THR A 2 -16.96 25.34 -16.11
N ILE A 3 -15.93 24.67 -15.61
CA ILE A 3 -15.78 23.23 -15.80
C ILE A 3 -16.16 22.52 -14.51
N ALA A 4 -17.05 21.54 -14.61
CA ALA A 4 -17.43 20.70 -13.48
C ALA A 4 -16.69 19.38 -13.60
N VAL A 5 -15.93 19.02 -12.56
CA VAL A 5 -15.07 17.86 -12.57
C VAL A 5 -15.66 16.82 -11.64
N THR A 6 -16.12 15.71 -12.19
CA THR A 6 -16.61 14.59 -11.41
C THR A 6 -15.58 13.46 -11.47
N GLY A 7 -15.45 12.74 -10.37
CA GLY A 7 -14.51 11.64 -10.31
C GLY A 7 -14.01 11.44 -8.89
N SER A 8 -13.01 10.59 -8.76
CA SER A 8 -12.56 10.17 -7.44
C SER A 8 -11.83 11.31 -6.72
N ILE A 9 -12.04 11.37 -5.42
CA ILE A 9 -11.26 12.20 -4.50
C ILE A 9 -10.59 11.24 -3.52
N ALA A 10 -9.27 11.39 -3.35
CA ALA A 10 -8.55 10.35 -2.62
C ALA A 10 -7.32 10.91 -1.93
N THR A 11 -6.73 10.06 -1.09
CA THR A 11 -5.39 10.25 -0.57
C THR A 11 -4.50 9.21 -1.24
N ASP A 12 -3.42 9.67 -1.85
CA ASP A 12 -2.48 8.79 -2.54
C ASP A 12 -1.32 8.50 -1.61
N HIS A 13 -1.07 7.23 -1.35
CA HIS A 13 0.06 6.78 -0.56
C HIS A 13 1.06 6.20 -1.54
N LEU A 14 2.11 6.96 -1.82
CA LEU A 14 3.03 6.69 -2.92
C LEU A 14 4.37 6.27 -2.36
N MET A 15 4.84 5.10 -2.80
CA MET A 15 6.11 4.54 -2.39
C MET A 15 6.99 4.34 -3.61
N ARG A 16 8.30 4.31 -3.37
CA ARG A 16 9.28 4.15 -4.43
C ARG A 16 10.09 2.89 -4.18
N PHE A 17 10.12 1.99 -5.16
CA PHE A 17 10.95 0.81 -5.11
C PHE A 17 12.20 1.05 -5.94
N PRO A 18 13.41 1.04 -5.37
CA PRO A 18 14.59 1.40 -6.15
C PRO A 18 15.03 0.30 -7.12
N GLY A 19 14.27 -0.79 -7.21
CA GLY A 19 14.59 -1.90 -8.07
C GLY A 19 13.70 -1.97 -9.30
N ARG A 20 13.64 -3.17 -9.87
CA ARG A 20 12.78 -3.46 -11.02
C ARG A 20 11.86 -4.61 -10.64
N PHE A 21 10.55 -4.41 -10.80
CA PHE A 21 9.58 -5.46 -10.52
C PHE A 21 9.95 -6.70 -11.33
N SER A 22 10.38 -7.76 -10.63
CA SER A 22 10.91 -8.95 -11.27
C SER A 22 10.76 -10.10 -10.25
N GLU A 23 9.61 -10.76 -10.30
CA GLU A 23 9.19 -11.72 -9.28
C GLU A 23 9.15 -13.15 -9.80
N GLN A 24 8.33 -13.42 -10.82
CA GLN A 24 8.18 -14.76 -11.39
C GLN A 24 8.30 -15.87 -10.33
N VAL A 33 1.96 -17.24 -4.37
CA VAL A 33 2.42 -15.89 -4.66
C VAL A 33 2.67 -15.16 -3.33
N SER A 34 3.74 -14.36 -3.28
CA SER A 34 4.07 -13.64 -2.06
C SER A 34 5.09 -12.53 -2.34
N LEU A 35 4.70 -11.52 -3.09
CA LEU A 35 5.60 -10.43 -3.42
C LEU A 35 5.79 -9.50 -2.23
N SER A 36 7.05 -9.12 -1.97
CA SER A 36 7.37 -8.14 -0.95
C SER A 36 8.45 -7.21 -1.49
N PHE A 37 8.19 -5.91 -1.46
CA PHE A 37 9.11 -4.92 -2.01
C PHE A 37 9.58 -4.00 -0.90
N LEU A 38 10.89 -3.93 -0.72
CA LEU A 38 11.47 -2.97 0.22
C LEU A 38 11.62 -1.63 -0.47
N VAL A 39 10.97 -0.60 0.08
CA VAL A 39 10.85 0.69 -0.56
C VAL A 39 11.60 1.73 0.26
N ASP A 40 12.10 2.77 -0.41
CA ASP A 40 12.94 3.78 0.21
C ASP A 40 12.28 5.15 0.28
N ASP A 41 11.00 5.25 -0.04
CA ASP A 41 10.29 6.51 0.04
C ASP A 41 8.82 6.22 0.26
N LEU A 42 8.19 7.03 1.12
CA LEU A 42 6.76 6.87 1.41
C LEU A 42 6.21 8.27 1.67
N VAL A 43 5.32 8.74 0.79
CA VAL A 43 4.71 10.05 0.95
C VAL A 43 3.20 9.92 0.79
N MET A 44 2.47 10.80 1.49
CA MET A 44 1.02 10.84 1.42
C MET A 44 0.62 12.19 0.85
N HIS A 45 -0.10 12.17 -0.27
CA HIS A 45 -0.46 13.38 -0.99
C HIS A 45 -1.94 13.36 -1.31
N ARG A 46 -2.45 14.53 -1.71
CA ARG A 46 -3.84 14.63 -2.12
C ARG A 46 -3.97 14.13 -3.56
N GLY A 47 -5.07 13.45 -3.84
CA GLY A 47 -5.19 12.74 -5.09
C GLY A 47 -6.63 12.48 -5.48
N GLY A 48 -6.81 11.47 -6.34
CA GLY A 48 -8.09 11.26 -7.00
C GLY A 48 -8.12 12.04 -8.30
N VAL A 49 -8.65 11.45 -9.36
CA VAL A 49 -8.57 12.06 -10.69
C VAL A 49 -9.30 13.40 -10.69
N ALA A 50 -10.47 13.46 -10.07
CA ALA A 50 -11.22 14.71 -10.06
C ALA A 50 -10.49 15.76 -9.26
N GLY A 51 -9.92 15.40 -8.11
CA GLY A 51 -9.13 16.35 -7.35
C GLY A 51 -7.94 16.85 -8.13
N ASN A 52 -7.21 15.94 -8.78
CA ASN A 52 -6.04 16.33 -9.56
C ASN A 52 -6.41 17.31 -10.66
N MET A 53 -7.45 16.97 -11.44
CA MET A 53 -7.84 17.82 -12.56
C MET A 53 -8.38 19.16 -12.08
N ALA A 54 -9.18 19.17 -11.00
CA ALA A 54 -9.67 20.43 -10.45
C ALA A 54 -8.53 21.31 -9.98
N PHE A 55 -7.58 20.71 -9.25
CA PHE A 55 -6.39 21.44 -8.82
C PHE A 55 -5.68 22.07 -10.00
N ALA A 56 -5.42 21.29 -11.04
CA ALA A 56 -4.67 21.81 -12.19
C ALA A 56 -5.44 22.94 -12.88
N ILE A 57 -6.76 22.77 -13.07
CA ILE A 57 -7.55 23.81 -13.70
C ILE A 57 -7.53 25.08 -12.87
N GLY A 58 -7.62 24.94 -11.54
CA GLY A 58 -7.56 26.11 -10.69
C GLY A 58 -6.23 26.83 -10.78
N VAL A 59 -5.13 26.09 -10.64
CA VAL A 59 -3.80 26.69 -10.72
C VAL A 59 -3.63 27.49 -12.01
N LEU A 60 -4.10 26.93 -13.12
CA LEU A 60 -3.97 27.61 -14.40
C LEU A 60 -4.95 28.75 -14.59
N GLY A 61 -5.77 29.05 -13.58
CA GLY A 61 -6.64 30.20 -13.63
C GLY A 61 -8.03 29.96 -14.15
N GLY A 62 -8.47 28.69 -14.23
CA GLY A 62 -9.77 28.39 -14.76
C GLY A 62 -10.86 28.35 -13.70
N GLU A 63 -12.11 28.48 -14.17
CA GLU A 63 -13.27 28.37 -13.31
C GLU A 63 -13.71 26.91 -13.26
N VAL A 64 -13.66 26.32 -12.06
CA VAL A 64 -13.81 24.88 -11.94
C VAL A 64 -14.52 24.57 -10.62
N ALA A 65 -15.38 23.56 -10.66
CA ALA A 65 -16.03 23.03 -9.48
C ALA A 65 -15.71 21.55 -9.35
N LEU A 66 -15.43 21.12 -8.12
CA LEU A 66 -15.17 19.72 -7.82
C LEU A 66 -16.46 19.05 -7.37
N VAL A 67 -16.78 17.91 -7.99
CA VAL A 67 -18.04 17.22 -7.73
C VAL A 67 -17.70 15.74 -7.48
N GLY A 68 -17.50 15.39 -6.21
CA GLY A 68 -17.20 14.02 -5.86
C GLY A 68 -17.56 13.75 -4.41
N ALA A 69 -17.30 12.51 -3.99
CA ALA A 69 -17.67 12.03 -2.66
C ALA A 69 -16.41 11.81 -1.83
N ALA A 70 -16.36 12.45 -0.67
CA ALA A 70 -15.25 12.33 0.27
C ALA A 70 -15.79 12.00 1.65
N GLY A 71 -14.87 11.66 2.55
CA GLY A 71 -15.17 11.54 3.96
C GLY A 71 -15.01 12.87 4.69
N ALA A 72 -15.04 12.79 6.01
CA ALA A 72 -15.01 13.99 6.84
C ALA A 72 -13.62 14.61 6.93
N ASP A 73 -12.57 13.81 6.76
CA ASP A 73 -11.20 14.30 6.76
C ASP A 73 -10.92 15.31 5.66
N PHE A 74 -11.87 15.55 4.76
CA PHE A 74 -11.65 16.38 3.57
C PHE A 74 -11.32 17.83 3.90
N ALA A 75 -11.44 18.25 5.16
CA ALA A 75 -11.35 19.66 5.51
C ALA A 75 -10.06 20.28 4.93
N ASP A 76 -8.91 19.78 5.34
CA ASP A 76 -7.65 20.33 4.86
C ASP A 76 -7.61 20.30 3.34
N TYR A 77 -7.99 19.15 2.76
CA TYR A 77 -8.00 19.04 1.30
C TYR A 77 -8.85 20.16 0.71
N ARG A 78 -10.05 20.36 1.25
CA ARG A 78 -10.89 21.45 0.78
C ARG A 78 -10.14 22.77 0.82
N ASP A 79 -9.53 23.10 1.96
CA ASP A 79 -8.83 24.36 2.07
C ASP A 79 -7.73 24.47 1.03
N TRP A 80 -7.03 23.37 0.77
CA TRP A 80 -6.03 23.35 -0.28
C TRP A 80 -6.67 23.72 -1.61
N LEU A 81 -7.69 22.97 -2.03
CA LEU A 81 -8.29 23.20 -3.34
C LEU A 81 -8.90 24.59 -3.43
N LYS A 82 -9.64 25.01 -2.40
CA LYS A 82 -10.25 26.33 -2.42
C LYS A 82 -9.18 27.42 -2.52
N ALA A 83 -7.99 27.19 -1.94
CA ALA A 83 -6.93 28.18 -2.05
C ALA A 83 -6.47 28.39 -3.48
N ARG A 84 -6.73 27.45 -4.38
CA ARG A 84 -6.39 27.62 -5.79
C ARG A 84 -7.62 27.87 -6.67
N GLY A 85 -8.73 28.29 -6.08
CA GLY A 85 -9.88 28.71 -6.84
C GLY A 85 -10.92 27.65 -7.14
N VAL A 86 -10.79 26.47 -6.54
CA VAL A 86 -11.72 25.37 -6.84
C VAL A 86 -12.95 25.53 -5.96
N ASN A 87 -14.12 25.41 -6.58
CA ASN A 87 -15.39 25.42 -5.86
C ASN A 87 -15.63 24.03 -5.29
N CYS A 88 -15.54 23.90 -3.96
CA CYS A 88 -15.73 22.61 -3.30
C CYS A 88 -17.09 22.52 -2.60
N ASP A 89 -18.02 23.43 -2.90
CA ASP A 89 -19.32 23.40 -2.24
C ASP A 89 -20.02 22.07 -2.43
N HIS A 90 -19.89 21.48 -3.61
CA HIS A 90 -20.69 20.33 -4.01
C HIS A 90 -19.93 19.01 -3.88
N VAL A 91 -18.93 18.97 -3.00
CA VAL A 91 -18.33 17.71 -2.58
C VAL A 91 -19.27 17.07 -1.57
N LEU A 92 -19.73 15.86 -1.86
CA LEU A 92 -20.55 15.12 -0.91
C LEU A 92 -19.64 14.51 0.16
N ILE A 93 -19.98 14.75 1.42
CA ILE A 93 -19.17 14.29 2.54
C ILE A 93 -19.92 13.17 3.25
N SER A 94 -19.36 11.97 3.22
CA SER A 94 -19.94 10.87 3.97
C SER A 94 -19.72 11.12 5.46
N GLU A 95 -20.74 10.86 6.25
CA GLU A 95 -20.58 10.97 7.70
C GLU A 95 -19.83 9.76 8.27
N THR A 96 -19.79 8.65 7.55
CA THR A 96 -19.27 7.39 8.07
C THR A 96 -18.06 6.88 7.30
N ALA A 97 -18.01 7.08 5.98
CA ALA A 97 -16.94 6.54 5.16
C ALA A 97 -15.78 7.53 5.06
N HIS A 98 -14.57 6.99 4.96
CA HIS A 98 -13.38 7.80 4.76
C HIS A 98 -13.10 7.98 3.28
N THR A 99 -12.36 9.04 2.96
CA THR A 99 -11.96 9.30 1.58
C THR A 99 -11.26 8.09 0.99
N ALA A 100 -11.47 7.87 -0.32
CA ALA A 100 -10.79 6.79 -1.03
C ALA A 100 -9.28 6.89 -0.82
N ARG A 101 -8.61 5.74 -0.88
CA ARG A 101 -7.16 5.72 -0.79
C ARG A 101 -6.56 4.95 -1.95
N PHE A 102 -5.56 5.55 -2.59
CA PHE A 102 -4.79 4.94 -3.66
C PHE A 102 -3.40 4.65 -3.11
N THR A 103 -3.02 3.36 -3.08
CA THR A 103 -1.72 2.94 -2.57
C THR A 103 -0.91 2.41 -3.75
N CYS A 104 0.28 2.97 -3.96
CA CYS A 104 1.03 2.67 -5.18
C CYS A 104 2.52 2.58 -4.88
N THR A 105 3.16 1.59 -5.49
CA THR A 105 4.61 1.43 -5.45
C THR A 105 5.14 1.53 -6.87
N THR A 106 6.07 2.45 -7.10
CA THR A 106 6.64 2.71 -8.42
C THR A 106 8.10 2.31 -8.42
N ASP A 107 8.53 1.65 -9.50
CA ASP A 107 9.91 1.21 -9.62
C ASP A 107 10.71 2.16 -10.51
N VAL A 108 11.96 1.78 -10.77
CA VAL A 108 12.88 2.66 -11.49
C VAL A 108 12.33 3.02 -12.87
N ASP A 109 11.66 2.07 -13.53
CA ASP A 109 11.19 2.26 -14.89
C ASP A 109 9.78 2.86 -14.95
N MET A 110 9.30 3.44 -13.85
CA MET A 110 7.95 4.01 -13.76
C MET A 110 6.87 2.95 -13.87
N ALA A 111 7.21 1.67 -13.64
CA ALA A 111 6.19 0.64 -13.54
C ALA A 111 5.54 0.68 -12.16
N GLN A 112 4.24 0.40 -12.10
CA GLN A 112 3.45 0.64 -10.90
C GLN A 112 2.73 -0.63 -10.47
N ILE A 113 2.72 -0.87 -9.17
CA ILE A 113 1.90 -1.90 -8.54
C ILE A 113 1.05 -1.21 -7.49
N ALA A 114 -0.27 -1.21 -7.68
CA ALA A 114 -1.15 -0.37 -6.90
C ALA A 114 -2.38 -1.14 -6.43
N SER A 115 -3.07 -0.53 -5.49
CA SER A 115 -4.35 -1.02 -5.00
C SER A 115 -5.19 0.18 -4.60
N PHE A 116 -6.48 0.13 -4.92
CA PHE A 116 -7.38 1.26 -4.75
C PHE A 116 -8.54 0.85 -3.85
N TYR A 117 -8.72 1.58 -2.75
CA TYR A 117 -9.84 1.39 -1.84
C TYR A 117 -10.83 2.52 -2.05
N PRO A 118 -12.04 2.25 -2.55
CA PRO A 118 -12.95 3.36 -2.89
C PRO A 118 -13.53 4.06 -1.68
N GLY A 119 -13.99 3.33 -0.67
CA GLY A 119 -14.60 3.94 0.49
C GLY A 119 -15.67 4.94 0.12
N ALA A 120 -15.50 6.18 0.60
CA ALA A 120 -16.52 7.22 0.39
C ALA A 120 -16.84 7.43 -1.08
N MET A 121 -15.94 7.05 -1.99
CA MET A 121 -16.22 7.24 -3.41
C MET A 121 -17.53 6.57 -3.80
N SER A 122 -17.85 5.44 -3.15
CA SER A 122 -19.06 4.70 -3.52
C SER A 122 -20.30 5.56 -3.37
N GLU A 123 -20.27 6.57 -2.50
CA GLU A 123 -21.44 7.42 -2.29
C GLU A 123 -21.64 8.47 -3.36
N ALA A 124 -20.70 8.59 -4.31
CA ALA A 124 -20.84 9.57 -5.38
C ALA A 124 -22.09 9.32 -6.22
N ARG A 125 -22.63 8.10 -6.20
CA ARG A 125 -23.87 7.82 -6.92
C ARG A 125 -25.05 8.60 -6.37
N ASN A 126 -24.93 9.21 -5.18
CA ASN A 126 -26.01 9.99 -4.60
C ASN A 126 -25.92 11.47 -4.95
N ILE A 127 -24.98 11.85 -5.82
CA ILE A 127 -24.79 13.25 -6.20
C ILE A 127 -25.62 13.54 -7.44
N LYS A 128 -26.34 14.66 -7.41
CA LYS A 128 -27.17 15.10 -8.52
C LYS A 128 -26.55 16.34 -9.15
N LEU A 129 -26.20 16.24 -10.43
CA LEU A 129 -25.69 17.40 -11.14
C LEU A 129 -26.75 18.48 -11.24
N ALA A 130 -28.04 18.13 -11.19
CA ALA A 130 -29.08 19.14 -11.22
C ALA A 130 -28.90 20.14 -10.09
N ASP A 131 -28.50 19.65 -8.90
CA ASP A 131 -28.26 20.55 -7.78
C ASP A 131 -27.09 21.48 -8.05
N VAL A 132 -25.99 20.94 -8.59
CA VAL A 132 -24.84 21.77 -8.91
C VAL A 132 -25.25 22.85 -9.92
N VAL A 133 -25.94 22.45 -10.97
CA VAL A 133 -26.44 23.41 -11.96
C VAL A 133 -27.26 24.49 -11.29
N SER A 134 -28.30 24.08 -10.55
CA SER A 134 -29.12 25.01 -9.78
C SER A 134 -28.26 26.03 -9.03
N ALA A 135 -27.20 25.57 -8.37
CA ALA A 135 -26.42 26.45 -7.51
C ALA A 135 -25.49 27.36 -8.29
N ILE A 136 -24.91 26.85 -9.38
CA ILE A 136 -23.86 27.55 -10.11
C ILE A 136 -24.22 27.83 -11.56
N GLY A 137 -25.35 27.33 -12.04
CA GLY A 137 -25.66 27.42 -13.46
C GLY A 137 -25.06 26.25 -14.21
N LYS A 138 -25.30 26.25 -15.51
CA LYS A 138 -24.89 25.12 -16.35
C LYS A 138 -23.41 25.24 -16.69
N PRO A 139 -22.57 24.27 -16.30
CA PRO A 139 -21.16 24.34 -16.67
C PRO A 139 -20.97 24.14 -18.16
N GLU A 140 -19.92 24.78 -18.68
CA GLU A 140 -19.59 24.61 -20.10
C GLU A 140 -19.11 23.20 -20.41
N LEU A 141 -18.63 22.46 -19.41
CA LEU A 141 -18.17 21.10 -19.63
C LEU A 141 -18.23 20.34 -18.32
N VAL A 142 -18.65 19.07 -18.39
CA VAL A 142 -18.66 18.17 -17.24
C VAL A 142 -17.72 17.01 -17.55
N ILE A 143 -16.72 16.81 -16.69
CA ILE A 143 -15.77 15.72 -16.88
C ILE A 143 -16.27 14.51 -16.09
N ILE A 144 -16.54 13.42 -16.80
CA ILE A 144 -16.96 12.16 -16.17
C ILE A 144 -15.71 11.32 -16.01
N GLY A 145 -14.97 11.56 -14.91
CA GLY A 145 -13.75 10.83 -14.62
C GLY A 145 -14.01 9.53 -13.88
N ALA A 146 -12.93 8.76 -13.71
CA ALA A 146 -13.00 7.54 -12.91
C ALA A 146 -13.66 7.83 -11.57
N ASN A 147 -14.71 7.07 -11.27
CA ASN A 147 -15.58 7.34 -10.13
C ASN A 147 -16.28 6.05 -9.74
N ASP A 148 -17.18 6.14 -8.78
CA ASP A 148 -18.14 5.07 -8.55
C ASP A 148 -18.85 4.76 -9.87
N PRO A 149 -18.81 3.51 -10.35
CA PRO A 149 -19.38 3.24 -11.69
C PRO A 149 -20.81 3.75 -11.87
N GLU A 150 -21.70 3.42 -10.92
CA GLU A 150 -23.07 3.90 -11.02
C GLU A 150 -23.11 5.42 -11.04
N ALA A 151 -22.25 6.07 -10.25
CA ALA A 151 -22.16 7.52 -10.32
C ALA A 151 -21.78 7.97 -11.72
N MET A 152 -20.85 7.27 -12.37
CA MET A 152 -20.45 7.62 -13.72
C MET A 152 -21.65 7.57 -14.67
N PHE A 153 -22.42 6.48 -14.62
CA PHE A 153 -23.58 6.36 -15.50
C PHE A 153 -24.61 7.45 -15.21
N LEU A 154 -24.91 7.68 -13.94
CA LEU A 154 -25.93 8.67 -13.59
C LEU A 154 -25.49 10.07 -14.00
N HIS A 155 -24.21 10.39 -13.79
CA HIS A 155 -23.69 11.67 -14.24
C HIS A 155 -23.85 11.83 -15.74
N THR A 156 -23.46 10.80 -16.50
CA THR A 156 -23.55 10.89 -17.96
C THR A 156 -24.98 11.07 -18.43
N GLU A 157 -25.90 10.23 -17.92
CA GLU A 157 -27.30 10.35 -18.28
C GLU A 157 -27.85 11.72 -17.91
N GLU A 158 -27.48 12.24 -16.73
CA GLU A 158 -27.94 13.55 -16.33
C GLU A 158 -27.43 14.63 -17.29
N CYS A 159 -26.17 14.51 -17.72
CA CYS A 159 -25.64 15.45 -18.69
C CYS A 159 -26.45 15.42 -19.98
N ARG A 160 -26.80 14.21 -20.44
CA ARG A 160 -27.60 14.11 -21.66
C ARG A 160 -28.98 14.72 -21.47
N LYS A 161 -29.61 14.51 -20.31
CA LYS A 161 -30.96 15.03 -20.10
C LYS A 161 -30.96 16.55 -19.93
N LEU A 162 -29.94 17.09 -19.27
CA LEU A 162 -29.90 18.53 -18.98
C LEU A 162 -29.25 19.33 -20.10
N GLY A 163 -28.75 18.66 -21.14
CA GLY A 163 -28.09 19.37 -22.23
C GLY A 163 -26.69 19.83 -21.91
N LEU A 164 -26.00 19.15 -21.00
CA LEU A 164 -24.64 19.53 -20.61
C LEU A 164 -23.63 18.77 -21.46
N ALA A 165 -22.71 19.51 -22.07
CA ALA A 165 -21.59 18.88 -22.76
C ALA A 165 -20.70 18.17 -21.76
N PHE A 166 -20.27 16.96 -22.12
CA PHE A 166 -19.50 16.15 -21.18
C PHE A 166 -18.33 15.48 -21.89
N ALA A 167 -17.28 15.24 -21.11
CA ALA A 167 -16.09 14.52 -21.55
C ALA A 167 -16.05 13.18 -20.85
N ALA A 168 -16.08 12.09 -21.62
CA ALA A 168 -15.96 10.75 -21.07
C ALA A 168 -14.50 10.45 -20.77
N ASP A 169 -14.20 10.10 -19.51
CA ASP A 169 -12.83 9.93 -19.05
C ASP A 169 -12.77 8.75 -18.10
N PRO A 170 -13.16 7.56 -18.58
CA PRO A 170 -13.33 6.43 -17.65
C PRO A 170 -12.02 5.96 -17.02
N SER A 171 -10.93 5.95 -17.77
CA SER A 171 -9.58 5.78 -17.23
C SER A 171 -9.52 4.48 -16.45
N GLN A 172 -9.14 4.49 -15.16
CA GLN A 172 -8.89 3.26 -14.44
C GLN A 172 -10.11 2.34 -14.41
N GLN A 173 -11.31 2.91 -14.39
CA GLN A 173 -12.52 2.10 -14.23
C GLN A 173 -12.84 1.26 -15.46
N LEU A 174 -12.19 1.53 -16.61
CA LEU A 174 -12.46 0.73 -17.79
C LEU A 174 -12.25 -0.76 -17.53
N ALA A 175 -11.27 -1.09 -16.69
CA ALA A 175 -11.04 -2.50 -16.33
C ALA A 175 -12.25 -3.09 -15.63
N ARG A 176 -12.84 -2.33 -14.69
CA ARG A 176 -14.01 -2.82 -13.96
C ARG A 176 -15.22 -2.95 -14.87
N LEU A 177 -15.51 -1.92 -15.66
CA LEU A 177 -16.77 -1.84 -16.39
C LEU A 177 -16.86 -2.92 -17.46
N SER A 178 -18.09 -3.18 -17.90
CA SER A 178 -18.38 -4.14 -18.97
C SER A 178 -18.62 -3.41 -20.28
N GLY A 179 -18.80 -4.18 -21.35
CA GLY A 179 -19.02 -3.62 -22.67
C GLY A 179 -20.22 -2.70 -22.73
N GLU A 180 -21.38 -3.20 -22.32
CA GLU A 180 -22.60 -2.38 -22.31
C GLU A 180 -22.38 -1.11 -21.50
N GLU A 181 -21.69 -1.24 -20.38
CA GLU A 181 -21.39 -0.09 -19.52
C GLU A 181 -20.58 0.97 -20.26
N ILE A 182 -19.45 0.56 -20.82
CA ILE A 182 -18.59 1.50 -21.54
C ILE A 182 -19.36 2.13 -22.68
N ARG A 183 -20.10 1.32 -23.45
CA ARG A 183 -20.90 1.88 -24.53
C ARG A 183 -21.84 2.94 -24.01
N ARG A 184 -22.50 2.69 -22.88
CA ARG A 184 -23.42 3.67 -22.33
C ARG A 184 -22.69 4.94 -21.92
N LEU A 185 -21.38 4.87 -21.67
CA LEU A 185 -20.64 6.05 -21.27
C LEU A 185 -20.21 6.97 -22.41
N VAL A 186 -20.19 6.50 -23.65
CA VAL A 186 -19.48 7.19 -24.71
C VAL A 186 -20.40 8.08 -25.55
N ASN A 187 -21.59 7.61 -25.90
CA ASN A 187 -22.41 8.30 -26.88
C ASN A 187 -22.67 9.75 -26.47
N GLY A 188 -22.52 10.66 -27.42
CA GLY A 188 -22.77 12.06 -27.18
C GLY A 188 -21.63 12.84 -26.56
N ALA A 189 -20.53 12.18 -26.20
CA ALA A 189 -19.43 12.87 -25.56
C ALA A 189 -18.85 13.94 -26.48
N ALA A 190 -18.56 15.11 -25.91
CA ALA A 190 -17.81 16.12 -26.64
C ALA A 190 -16.33 15.75 -26.73
N TYR A 191 -15.82 15.02 -25.73
CA TYR A 191 -14.47 14.49 -25.75
C TYR A 191 -14.50 13.06 -25.23
N LEU A 192 -13.66 12.21 -25.82
CA LEU A 192 -13.34 10.90 -25.26
C LEU A 192 -11.85 10.88 -24.96
N PHE A 193 -11.51 10.71 -23.69
CA PHE A 193 -10.11 10.65 -23.25
C PHE A 193 -9.75 9.22 -22.87
N THR A 194 -8.67 8.71 -23.46
CA THR A 194 -8.07 7.47 -22.98
C THR A 194 -6.58 7.50 -23.28
N ASN A 195 -5.86 6.48 -22.79
CA ASN A 195 -4.55 6.20 -23.32
C ASN A 195 -4.70 5.13 -24.40
N ASP A 196 -3.60 4.81 -25.08
CA ASP A 196 -3.68 3.92 -26.25
C ASP A 196 -4.12 2.51 -25.86
N TYR A 197 -3.56 1.96 -24.78
CA TYR A 197 -3.98 0.64 -24.34
C TYR A 197 -5.45 0.65 -23.93
N GLU A 198 -5.88 1.72 -23.25
CA GLU A 198 -7.29 1.86 -22.90
C GLU A 198 -8.15 2.00 -24.13
N TRP A 199 -7.65 2.65 -25.18
CA TRP A 199 -8.41 2.76 -26.43
C TRP A 199 -8.63 1.38 -27.04
N ASP A 200 -7.57 0.57 -27.11
CA ASP A 200 -7.71 -0.79 -27.61
C ASP A 200 -8.69 -1.59 -26.76
N LEU A 201 -8.57 -1.48 -25.43
CA LEU A 201 -9.46 -2.22 -24.54
C LEU A 201 -10.92 -1.79 -24.75
N LEU A 202 -11.16 -0.49 -24.93
CA LEU A 202 -12.51 0.00 -25.14
C LEU A 202 -13.09 -0.55 -26.45
N LEU A 203 -12.30 -0.50 -27.52
CA LEU A 203 -12.76 -1.06 -28.78
C LEU A 203 -13.08 -2.54 -28.63
N SER A 204 -12.24 -3.29 -27.92
CA SER A 204 -12.49 -4.72 -27.74
C SER A 204 -13.78 -4.95 -26.96
N LYS A 205 -13.92 -4.31 -25.80
CA LYS A 205 -15.03 -4.62 -24.89
C LYS A 205 -16.35 -4.12 -25.45
N THR A 206 -16.36 -2.96 -26.10
CA THR A 206 -17.60 -2.43 -26.66
C THR A 206 -18.00 -3.14 -27.95
N GLY A 207 -17.08 -3.84 -28.60
CA GLY A 207 -17.35 -4.40 -29.91
C GLY A 207 -17.44 -3.37 -31.01
N TRP A 208 -17.08 -2.12 -30.73
CA TRP A 208 -17.15 -1.04 -31.70
C TRP A 208 -15.88 -1.00 -32.54
N SER A 209 -16.03 -0.59 -33.79
CA SER A 209 -14.89 -0.21 -34.60
C SER A 209 -14.49 1.24 -34.29
N GLU A 210 -13.33 1.64 -34.81
CA GLU A 210 -12.89 3.03 -34.65
C GLU A 210 -13.96 3.99 -35.16
N ALA A 211 -14.52 3.70 -36.35
CA ALA A 211 -15.52 4.58 -36.93
C ALA A 211 -16.82 4.54 -36.13
N ASP A 212 -17.13 3.41 -35.50
CA ASP A 212 -18.29 3.36 -34.62
C ASP A 212 -18.17 4.39 -33.51
N VAL A 213 -17.01 4.44 -32.86
CA VAL A 213 -16.80 5.41 -31.79
C VAL A 213 -16.82 6.82 -32.34
N MET A 214 -16.05 7.07 -33.41
CA MET A 214 -15.89 8.43 -33.90
C MET A 214 -17.22 9.04 -34.33
N ALA A 215 -18.18 8.22 -34.74
CA ALA A 215 -19.49 8.72 -35.14
C ALA A 215 -20.34 9.15 -33.95
N GLN A 216 -19.91 8.88 -32.72
CA GLN A 216 -20.69 9.23 -31.53
C GLN A 216 -20.05 10.32 -30.68
N ILE A 217 -18.84 10.78 -31.02
CA ILE A 217 -18.15 11.78 -30.22
C ILE A 217 -17.67 12.89 -31.14
N ASP A 218 -17.36 14.05 -30.53
CA ASP A 218 -16.83 15.18 -31.28
C ASP A 218 -15.32 15.16 -31.39
N LEU A 219 -14.61 14.49 -30.49
CA LEU A 219 -13.16 14.43 -30.56
C LEU A 219 -12.64 13.28 -29.70
N ARG A 220 -11.72 12.50 -30.24
CA ARG A 220 -11.00 11.49 -29.47
C ARG A 220 -9.63 12.04 -29.12
N VAL A 221 -9.25 11.90 -27.85
CA VAL A 221 -7.93 12.26 -27.35
C VAL A 221 -7.32 10.99 -26.75
N THR A 222 -6.25 10.52 -27.38
CA THR A 222 -5.57 9.30 -26.97
C THR A 222 -4.13 9.61 -26.61
N THR A 223 -3.83 9.56 -25.31
CA THR A 223 -2.46 9.79 -24.85
C THR A 223 -1.61 8.56 -25.14
N LEU A 224 -0.34 8.79 -25.44
CA LEU A 224 0.56 7.74 -25.90
C LEU A 224 1.82 7.68 -25.04
N GLY A 225 1.74 8.15 -23.80
CA GLY A 225 2.88 8.17 -22.92
C GLY A 225 4.01 8.99 -23.49
N PRO A 226 5.21 8.39 -23.66
CA PRO A 226 6.34 9.16 -24.19
C PRO A 226 6.17 9.57 -25.64
N LYS A 227 5.28 8.92 -26.37
CA LYS A 227 5.04 9.23 -27.77
C LYS A 227 4.07 10.40 -27.94
N GLY A 228 3.67 11.05 -26.87
CA GLY A 228 2.88 12.26 -26.98
C GLY A 228 1.39 11.97 -26.87
N VAL A 229 0.61 12.56 -27.78
CA VAL A 229 -0.85 12.47 -27.73
C VAL A 229 -1.40 12.65 -29.13
N ASP A 230 -2.51 11.96 -29.40
CA ASP A 230 -3.26 12.09 -30.65
C ASP A 230 -4.61 12.71 -30.40
N LEU A 231 -5.00 13.64 -31.28
CA LEU A 231 -6.32 14.26 -31.27
C LEU A 231 -6.95 13.98 -32.62
N VAL A 232 -8.03 13.20 -32.63
CA VAL A 232 -8.65 12.71 -33.86
C VAL A 232 -10.08 13.24 -33.92
N GLU A 233 -10.40 13.96 -34.99
CA GLU A 233 -11.76 14.41 -35.25
C GLU A 233 -12.54 13.33 -35.99
N PRO A 234 -13.87 13.40 -35.96
CA PRO A 234 -14.66 12.36 -36.66
C PRO A 234 -14.33 12.22 -38.13
N ASP A 235 -14.00 13.32 -38.82
CA ASP A 235 -13.68 13.23 -40.24
C ASP A 235 -12.29 12.68 -40.50
N GLY A 236 -11.53 12.31 -39.47
CA GLY A 236 -10.21 11.76 -39.64
C GLY A 236 -9.08 12.75 -39.47
N THR A 237 -9.37 14.05 -39.43
CA THR A 237 -8.33 15.04 -39.14
C THR A 237 -7.64 14.68 -37.83
N THR A 238 -6.31 14.58 -37.90
CA THR A 238 -5.53 14.09 -36.77
C THR A 238 -4.37 15.02 -36.49
N ILE A 239 -4.24 15.42 -35.22
CA ILE A 239 -3.12 16.23 -34.75
C ILE A 239 -2.32 15.38 -33.76
N HIS A 240 -1.02 15.30 -33.98
CA HIS A 240 -0.11 14.61 -33.08
C HIS A 240 0.77 15.63 -32.39
N VAL A 241 0.84 15.55 -31.06
CA VAL A 241 1.63 16.49 -30.26
C VAL A 241 2.61 15.67 -29.43
N GLY A 242 3.90 15.87 -29.67
CA GLY A 242 4.91 15.22 -28.87
C GLY A 242 4.98 15.77 -27.47
N VAL A 243 5.61 15.00 -26.58
CA VAL A 243 5.72 15.40 -25.19
C VAL A 243 6.62 16.62 -25.08
N VAL A 244 6.49 17.33 -23.96
CA VAL A 244 7.54 18.25 -23.53
C VAL A 244 8.62 17.35 -22.92
N PRO A 245 9.81 17.27 -23.50
CA PRO A 245 10.81 16.31 -22.99
C PRO A 245 11.13 16.58 -21.52
N GLU A 246 11.24 15.51 -20.75
CA GLU A 246 11.45 15.61 -19.32
C GLU A 246 12.94 15.66 -18.98
N THR A 247 13.24 16.30 -17.84
CA THR A 247 14.57 16.25 -17.25
C THR A 247 14.69 15.13 -16.22
N SER A 248 13.58 14.55 -15.78
CA SER A 248 13.61 13.39 -14.88
C SER A 248 12.26 12.68 -14.96
N GLN A 249 12.30 11.38 -14.71
CA GLN A 249 11.09 10.57 -14.57
C GLN A 249 10.94 10.27 -13.08
N THR A 250 10.22 11.15 -12.38
CA THR A 250 10.07 11.02 -10.94
C THR A 250 8.96 10.04 -10.58
N ASP A 251 7.75 10.30 -11.05
CA ASP A 251 6.59 9.45 -10.74
C ASP A 251 5.46 9.69 -11.74
N PRO A 252 4.92 8.64 -12.36
CA PRO A 252 3.90 8.84 -13.41
C PRO A 252 2.50 9.11 -12.90
N THR A 253 2.26 8.99 -11.59
CA THR A 253 0.91 9.16 -11.06
C THR A 253 0.36 10.55 -11.41
N GLY A 254 -0.84 10.57 -11.99
CA GLY A 254 -1.53 11.82 -12.28
C GLY A 254 -1.07 12.56 -13.52
N VAL A 255 -0.18 11.97 -14.33
CA VAL A 255 0.28 12.66 -15.54
C VAL A 255 -0.87 12.83 -16.53
N GLY A 256 -1.68 11.79 -16.72
CA GLY A 256 -2.82 11.90 -17.61
C GLY A 256 -3.82 12.92 -17.14
N ASP A 257 -4.11 12.94 -15.83
CA ASP A 257 -5.01 13.94 -15.29
C ASP A 257 -4.50 15.35 -15.58
N ALA A 258 -3.19 15.56 -15.40
CA ALA A 258 -2.62 16.88 -15.66
C ALA A 258 -2.71 17.25 -17.12
N PHE A 259 -2.47 16.30 -18.03
CA PHE A 259 -2.64 16.59 -19.45
C PHE A 259 -4.07 17.01 -19.73
N ARG A 260 -5.05 16.23 -19.25
CA ARG A 260 -6.44 16.56 -19.50
C ARG A 260 -6.77 17.95 -18.96
N ALA A 261 -6.28 18.27 -17.76
CA ALA A 261 -6.61 19.55 -17.15
C ALA A 261 -6.01 20.70 -17.94
N GLY A 262 -4.74 20.59 -18.32
CA GLY A 262 -4.14 21.64 -19.12
C GLY A 262 -4.79 21.78 -20.48
N PHE A 263 -5.12 20.65 -21.12
CA PHE A 263 -5.76 20.68 -22.43
C PHE A 263 -7.12 21.37 -22.36
N LEU A 264 -7.95 20.97 -21.38
CA LEU A 264 -9.28 21.54 -21.29
C LEU A 264 -9.25 22.98 -20.79
N THR A 265 -8.24 23.35 -19.99
CA THR A 265 -8.06 24.76 -19.65
C THR A 265 -7.74 25.57 -20.90
N GLY A 266 -6.83 25.06 -21.73
CA GLY A 266 -6.53 25.73 -22.98
C GLY A 266 -7.75 25.88 -23.86
N ARG A 267 -8.53 24.81 -23.99
CA ARG A 267 -9.75 24.87 -24.79
C ARG A 267 -10.74 25.87 -24.22
N SER A 268 -10.84 25.94 -22.89
CA SER A 268 -11.74 26.89 -22.25
C SER A 268 -11.26 28.32 -22.44
N ALA A 269 -9.95 28.51 -22.62
CA ALA A 269 -9.40 29.83 -22.93
C ALA A 269 -9.46 30.16 -24.43
N GLY A 270 -10.11 29.32 -25.24
CA GLY A 270 -10.27 29.58 -26.65
C GLY A 270 -9.11 29.18 -27.53
N LEU A 271 -8.16 28.40 -27.01
CA LEU A 271 -7.05 27.93 -27.82
C LEU A 271 -7.49 26.83 -28.76
N GLY A 272 -6.77 26.68 -29.87
CA GLY A 272 -7.00 25.59 -30.79
C GLY A 272 -6.64 24.25 -30.15
N LEU A 273 -6.88 23.19 -30.93
CA LEU A 273 -6.62 21.84 -30.44
C LEU A 273 -5.14 21.62 -30.18
N GLU A 274 -4.29 22.00 -31.14
CA GLU A 274 -2.86 21.74 -31.01
C GLU A 274 -2.25 22.55 -29.87
N ARG A 275 -2.60 23.83 -29.76
CA ARG A 275 -2.08 24.67 -28.67
C ARG A 275 -2.52 24.15 -27.32
N SER A 276 -3.79 23.74 -27.21
CA SER A 276 -4.30 23.18 -25.97
C SER A 276 -3.54 21.91 -25.60
N ALA A 277 -3.27 21.05 -26.59
CA ALA A 277 -2.54 19.82 -26.31
C ALA A 277 -1.10 20.10 -25.91
N GLN A 278 -0.51 21.17 -26.46
CA GLN A 278 0.84 21.56 -26.06
C GLN A 278 0.87 22.03 -24.61
N LEU A 279 -0.10 22.85 -24.21
CA LEU A 279 -0.21 23.23 -22.81
C LEU A 279 -0.40 22.02 -21.92
N GLY A 280 -1.27 21.09 -22.34
CA GLY A 280 -1.48 19.87 -21.58
C GLY A 280 -0.20 19.07 -21.43
N SER A 281 0.59 19.00 -22.50
CA SER A 281 1.87 18.30 -22.44
C SER A 281 2.79 18.95 -21.42
N LEU A 282 2.78 20.28 -21.34
CA LEU A 282 3.60 20.96 -20.35
C LEU A 282 3.17 20.56 -18.93
N VAL A 283 1.88 20.66 -18.63
CA VAL A 283 1.44 20.33 -17.27
C VAL A 283 1.74 18.86 -16.98
N ALA A 284 1.60 18.00 -17.99
CA ALA A 284 1.89 16.58 -17.83
C ALA A 284 3.34 16.37 -17.42
N VAL A 285 4.28 17.04 -18.10
CA VAL A 285 5.68 16.83 -17.75
C VAL A 285 5.97 17.40 -16.37
N LEU A 286 5.33 18.52 -16.01
CA LEU A 286 5.52 19.05 -14.67
C LEU A 286 5.10 18.03 -13.61
N VAL A 287 4.03 17.28 -13.89
CA VAL A 287 3.59 16.28 -12.93
C VAL A 287 4.54 15.07 -12.95
N LEU A 288 5.00 14.68 -14.14
CA LEU A 288 5.93 13.56 -14.25
C LEU A 288 7.20 13.81 -13.47
N GLU A 289 7.61 15.08 -13.33
CA GLU A 289 8.88 15.43 -12.72
C GLU A 289 8.77 15.69 -11.22
N SER A 290 7.63 15.36 -10.60
CA SER A 290 7.47 15.52 -9.17
C SER A 290 6.77 14.29 -8.61
N THR A 291 6.89 14.11 -7.30
CA THR A 291 6.21 13.03 -6.60
C THR A 291 4.89 13.54 -6.08
N GLY A 292 3.82 12.81 -6.37
CA GLY A 292 2.48 13.28 -6.07
C GLY A 292 1.86 14.01 -7.25
N THR A 293 0.54 14.10 -7.23
CA THR A 293 -0.23 14.59 -8.36
C THR A 293 -0.44 16.08 -8.36
N GLN A 294 -0.35 16.74 -7.19
CA GLN A 294 -0.61 18.17 -7.07
C GLN A 294 0.54 18.89 -6.40
N GLU A 295 1.73 18.29 -6.37
CA GLU A 295 2.92 18.91 -5.79
C GLU A 295 3.69 19.77 -6.77
N TRP A 296 3.29 19.80 -8.03
CA TRP A 296 4.00 20.57 -9.03
C TRP A 296 3.73 22.06 -8.86
N GLN A 297 4.73 22.87 -9.16
CA GLN A 297 4.63 24.31 -9.09
C GLN A 297 4.40 24.88 -10.49
N TRP A 298 3.74 26.03 -10.55
CA TRP A 298 3.50 26.74 -11.81
C TRP A 298 4.42 27.94 -11.86
N ASP A 299 5.40 27.89 -12.77
CA ASP A 299 6.32 29.00 -13.02
C ASP A 299 6.05 29.50 -14.44
N TYR A 300 5.50 30.71 -14.53
CA TYR A 300 5.07 31.25 -15.82
C TYR A 300 6.24 31.29 -16.81
N GLU A 301 7.39 31.83 -16.38
CA GLU A 301 8.51 31.97 -17.30
C GLU A 301 9.10 30.63 -17.67
N ALA A 302 9.22 29.71 -16.71
CA ALA A 302 9.70 28.36 -17.04
C ALA A 302 8.74 27.67 -17.99
N ALA A 303 7.43 27.89 -17.82
CA ALA A 303 6.45 27.34 -18.75
C ALA A 303 6.67 27.88 -20.15
N ALA A 304 6.79 29.20 -20.28
CA ALA A 304 7.04 29.80 -21.58
C ALA A 304 8.29 29.20 -22.21
N SER A 305 9.37 29.07 -21.42
CA SER A 305 10.64 28.62 -21.96
C SER A 305 10.54 27.18 -22.46
N ARG A 306 9.95 26.28 -21.67
CA ARG A 306 9.88 24.88 -22.10
C ARG A 306 8.91 24.71 -23.27
N LEU A 307 7.80 25.46 -23.26
CA LEU A 307 6.90 25.43 -24.42
C LEU A 307 7.62 25.86 -25.68
N ALA A 308 8.43 26.93 -25.58
CA ALA A 308 9.14 27.40 -26.77
C ALA A 308 10.20 26.40 -27.21
N GLY A 309 10.91 25.80 -26.25
CA GLY A 309 11.91 24.80 -26.61
C GLY A 309 11.31 23.59 -27.32
N ALA A 310 10.13 23.16 -26.89
CA ALA A 310 9.53 21.97 -27.47
C ALA A 310 8.75 22.27 -28.75
N TYR A 311 8.07 23.41 -28.81
CA TYR A 311 7.09 23.69 -29.86
C TYR A 311 7.33 24.99 -30.61
N GLY A 312 8.34 25.77 -30.25
CA GLY A 312 8.63 27.00 -30.96
C GLY A 312 8.10 28.23 -30.21
N GLU A 313 8.79 29.35 -30.42
CA GLU A 313 8.45 30.59 -29.70
C GLU A 313 7.04 31.06 -30.02
N HIS A 314 6.59 30.88 -31.27
CA HIS A 314 5.27 31.33 -31.66
C HIS A 314 4.18 30.63 -30.85
N ALA A 315 4.22 29.30 -30.82
CA ALA A 315 3.24 28.54 -30.05
C ALA A 315 3.33 28.88 -28.57
N ALA A 316 4.54 29.07 -28.05
CA ALA A 316 4.70 29.39 -26.63
C ALA A 316 4.02 30.72 -26.30
N ALA A 317 4.26 31.74 -27.14
CA ALA A 317 3.63 33.04 -26.90
C ALA A 317 2.11 32.92 -26.97
N GLU A 318 1.60 32.22 -27.99
CA GLU A 318 0.15 32.05 -28.08
C GLU A 318 -0.40 31.38 -26.84
N ILE A 319 0.30 30.38 -26.31
CA ILE A 319 -0.21 29.65 -25.15
C ILE A 319 -0.18 30.53 -23.91
N VAL A 320 0.95 31.16 -23.64
CA VAL A 320 1.10 31.93 -22.41
C VAL A 320 0.26 33.20 -22.43
N ALA A 321 -0.15 33.67 -23.60
CA ALA A 321 -0.96 34.88 -23.67
C ALA A 321 -2.30 34.72 -22.96
N VAL A 322 -2.77 33.49 -22.71
CA VAL A 322 -4.09 33.26 -22.14
C VAL A 322 -4.00 32.85 -20.67
N LEU A 323 -2.83 32.97 -20.04
CA LEU A 323 -2.66 32.53 -18.66
C LEU A 323 -2.08 33.63 -17.78
N THR B 2 12.25 -13.47 31.73
CA THR B 2 12.15 -12.19 31.03
C THR B 2 12.68 -12.29 29.60
N ILE B 3 11.80 -12.11 28.62
CA ILE B 3 12.14 -12.23 27.22
C ILE B 3 12.26 -10.83 26.62
N ALA B 4 13.39 -10.56 25.97
CA ALA B 4 13.60 -9.30 25.28
C ALA B 4 13.39 -9.52 23.79
N VAL B 5 12.48 -8.75 23.21
CA VAL B 5 12.06 -8.93 21.82
C VAL B 5 12.62 -7.75 21.02
N THR B 6 13.56 -8.03 20.13
CA THR B 6 14.10 -7.04 19.20
C THR B 6 13.55 -7.31 17.81
N GLY B 7 13.29 -6.26 17.06
CA GLY B 7 12.76 -6.39 15.71
C GLY B 7 11.93 -5.17 15.35
N SER B 8 11.25 -5.30 14.21
CA SER B 8 10.55 -4.16 13.65
C SER B 8 9.35 -3.77 14.50
N ILE B 9 9.12 -2.47 14.61
CA ILE B 9 7.88 -1.90 15.14
C ILE B 9 7.28 -1.09 14.01
N ALA B 10 6.00 -1.31 13.72
CA ALA B 10 5.45 -0.76 12.49
C ALA B 10 3.95 -0.53 12.65
N THR B 11 3.40 0.14 11.65
CA THR B 11 1.97 0.22 11.41
C THR B 11 1.67 -0.61 10.16
N ASP B 12 0.74 -1.54 10.28
CA ASP B 12 0.36 -2.41 9.17
C ASP B 12 -0.89 -1.84 8.50
N HIS B 13 -0.78 -1.57 7.21
CA HIS B 13 -1.91 -1.11 6.40
C HIS B 13 -2.33 -2.29 5.54
N LEU B 14 -3.42 -2.94 5.95
CA LEU B 14 -3.81 -4.24 5.42
C LEU B 14 -5.06 -4.11 4.56
N MET B 15 -4.98 -4.57 3.33
CA MET B 15 -6.08 -4.52 2.39
C MET B 15 -6.42 -5.93 1.93
N ARG B 16 -7.66 -6.10 1.48
CA ARG B 16 -8.15 -7.39 1.02
C ARG B 16 -8.58 -7.27 -0.44
N PHE B 17 -8.03 -8.13 -1.28
CA PHE B 17 -8.42 -8.22 -2.67
C PHE B 17 -9.39 -9.39 -2.81
N PRO B 18 -10.64 -9.17 -3.21
CA PRO B 18 -11.61 -10.29 -3.22
C PRO B 18 -11.39 -11.27 -4.36
N GLY B 19 -10.31 -11.08 -5.13
CA GLY B 19 -9.99 -11.94 -6.24
C GLY B 19 -8.84 -12.88 -5.94
N ARG B 20 -8.18 -13.34 -7.01
CA ARG B 20 -7.01 -14.20 -6.92
C ARG B 20 -5.87 -13.50 -7.65
N PHE B 21 -4.76 -13.30 -6.95
CA PHE B 21 -3.62 -12.69 -7.63
C PHE B 21 -3.25 -13.57 -8.82
N SER B 22 -3.65 -13.14 -10.01
CA SER B 22 -3.36 -13.87 -11.24
C SER B 22 -3.63 -12.93 -12.41
N GLU B 23 -2.78 -11.93 -12.56
CA GLU B 23 -3.01 -10.89 -13.56
C GLU B 23 -1.84 -10.83 -14.54
N VAL B 33 4.86 -3.39 -16.82
CA VAL B 33 4.08 -3.90 -15.70
C VAL B 33 3.21 -2.79 -15.12
N SER B 34 1.99 -3.14 -14.72
CA SER B 34 1.06 -2.17 -14.17
C SER B 34 -0.09 -2.87 -13.45
N LEU B 35 0.22 -3.57 -12.36
CA LEU B 35 -0.81 -4.26 -11.59
C LEU B 35 -1.65 -3.25 -10.83
N SER B 36 -2.98 -3.43 -10.87
CA SER B 36 -3.90 -2.59 -10.12
C SER B 36 -4.98 -3.50 -9.53
N PHE B 37 -5.16 -3.43 -8.21
CA PHE B 37 -6.11 -4.28 -7.51
C PHE B 37 -7.14 -3.41 -6.82
N LEU B 38 -8.41 -3.64 -7.15
CA LEU B 38 -9.51 -2.99 -6.46
C LEU B 38 -9.82 -3.78 -5.19
N VAL B 39 -9.71 -3.13 -4.05
CA VAL B 39 -9.77 -3.79 -2.75
C VAL B 39 -11.03 -3.33 -2.03
N ASP B 40 -11.56 -4.21 -1.18
CA ASP B 40 -12.83 -3.98 -0.50
C ASP B 40 -12.67 -3.84 1.01
N ASP B 41 -11.44 -3.76 1.52
CA ASP B 41 -11.23 -3.59 2.94
C ASP B 41 -9.87 -2.91 3.14
N LEU B 42 -9.83 -1.96 4.07
CA LEU B 42 -8.59 -1.25 4.39
C LEU B 42 -8.63 -0.95 5.88
N VAL B 43 -7.71 -1.55 6.63
CA VAL B 43 -7.62 -1.33 8.07
C VAL B 43 -6.17 -1.04 8.42
N MET B 44 -5.98 -0.22 9.45
CA MET B 44 -4.66 0.14 9.94
C MET B 44 -4.52 -0.38 11.36
N HIS B 45 -3.54 -1.25 11.57
CA HIS B 45 -3.36 -1.93 12.84
C HIS B 45 -1.92 -1.80 13.29
N ARG B 46 -1.70 -2.13 14.56
CA ARG B 46 -0.36 -2.12 15.12
C ARG B 46 0.37 -3.38 14.71
N GLY B 47 1.65 -3.25 14.42
CA GLY B 47 2.38 -4.33 13.77
C GLY B 47 3.86 -4.27 14.03
N GLY B 48 4.62 -4.90 13.13
CA GLY B 48 6.02 -5.14 13.35
C GLY B 48 6.23 -6.44 14.10
N VAL B 49 7.23 -7.23 13.70
CA VAL B 49 7.40 -8.56 14.26
C VAL B 49 7.67 -8.48 15.76
N ALA B 50 8.52 -7.54 16.18
CA ALA B 50 8.83 -7.41 17.60
C ALA B 50 7.59 -6.98 18.38
N GLY B 51 6.83 -6.03 17.84
CA GLY B 51 5.59 -5.64 18.48
C GLY B 51 4.61 -6.80 18.60
N ASN B 52 4.44 -7.56 17.51
CA ASN B 52 3.53 -8.70 17.52
C ASN B 52 3.92 -9.71 18.59
N MET B 53 5.20 -10.09 18.62
CA MET B 53 5.64 -11.10 19.58
C MET B 53 5.55 -10.57 21.01
N ALA B 54 5.92 -9.31 21.23
CA ALA B 54 5.81 -8.75 22.58
C ALA B 54 4.35 -8.72 23.04
N PHE B 55 3.46 -8.27 22.16
CA PHE B 55 2.04 -8.28 22.47
C PHE B 55 1.58 -9.67 22.88
N ALA B 56 1.92 -10.68 22.06
CA ALA B 56 1.45 -12.03 22.33
C ALA B 56 2.00 -12.56 23.65
N ILE B 57 3.30 -12.33 23.92
CA ILE B 57 3.89 -12.80 25.17
C ILE B 57 3.23 -12.12 26.36
N GLY B 58 2.94 -10.82 26.24
CA GLY B 58 2.26 -10.12 27.32
C GLY B 58 0.88 -10.67 27.58
N VAL B 59 0.07 -10.80 26.52
CA VAL B 59 -1.29 -11.31 26.67
C VAL B 59 -1.28 -12.66 27.39
N LEU B 60 -0.34 -13.54 27.03
CA LEU B 60 -0.27 -14.87 27.62
C LEU B 60 0.33 -14.87 29.02
N GLY B 61 0.67 -13.69 29.56
CA GLY B 61 1.11 -13.58 30.94
C GLY B 61 2.62 -13.64 31.15
N GLY B 62 3.41 -13.46 30.10
CA GLY B 62 4.85 -13.52 30.24
C GLY B 62 5.47 -12.16 30.53
N GLU B 63 6.69 -12.19 31.07
CA GLU B 63 7.45 -10.99 31.32
C GLU B 63 8.30 -10.68 30.09
N VAL B 64 8.05 -9.54 29.48
CA VAL B 64 8.62 -9.25 28.16
C VAL B 64 8.91 -7.76 28.04
N ALA B 65 10.02 -7.46 27.37
CA ALA B 65 10.41 -6.09 27.05
C ALA B 65 10.54 -5.96 25.53
N LEU B 66 10.03 -4.85 25.01
CA LEU B 66 10.15 -4.54 23.59
C LEU B 66 11.37 -3.66 23.35
N VAL B 67 12.20 -4.05 22.40
CA VAL B 67 13.47 -3.38 22.14
C VAL B 67 13.54 -3.11 20.63
N GLY B 68 13.06 -1.94 20.22
CA GLY B 68 13.09 -1.57 18.82
C GLY B 68 13.04 -0.07 18.66
N ALA B 69 13.04 0.36 17.40
CA ALA B 69 13.10 1.77 17.04
C ALA B 69 11.77 2.19 16.43
N ALA B 70 11.16 3.23 17.01
CA ALA B 70 9.91 3.77 16.53
C ALA B 70 10.05 5.28 16.35
N GLY B 71 9.03 5.88 15.72
CA GLY B 71 8.90 7.31 15.65
C GLY B 71 8.13 7.88 16.84
N ALA B 72 7.76 9.15 16.72
CA ALA B 72 7.11 9.86 17.82
C ALA B 72 5.64 9.48 17.98
N ASP B 73 4.98 9.04 16.91
CA ASP B 73 3.60 8.59 16.97
C ASP B 73 3.39 7.39 17.88
N PHE B 74 4.47 6.83 18.43
CA PHE B 74 4.43 5.58 19.18
C PHE B 74 3.62 5.64 20.48
N ALA B 75 3.09 6.80 20.84
CA ALA B 75 2.45 6.96 22.14
C ALA B 75 1.32 5.93 22.36
N ASP B 76 0.31 5.95 21.50
CA ASP B 76 -0.82 5.04 21.64
C ASP B 76 -0.38 3.58 21.63
N TYR B 77 0.51 3.23 20.69
CA TYR B 77 1.04 1.87 20.62
C TYR B 77 1.67 1.47 21.94
N ARG B 78 2.48 2.37 22.52
CA ARG B 78 3.08 2.14 23.82
C ARG B 78 2.01 1.86 24.86
N ASP B 79 0.99 2.71 24.93
CA ASP B 79 -0.06 2.53 25.94
C ASP B 79 -0.72 1.16 25.79
N TRP B 80 -1.01 0.77 24.55
CA TRP B 80 -1.57 -0.56 24.27
C TRP B 80 -0.67 -1.67 24.81
N LEU B 81 0.59 -1.67 24.37
CA LEU B 81 1.50 -2.74 24.75
C LEU B 81 1.69 -2.80 26.26
N LYS B 82 1.89 -1.64 26.91
CA LYS B 82 2.00 -1.63 28.36
C LYS B 82 0.73 -2.11 29.02
N ALA B 83 -0.43 -1.80 28.44
CA ALA B 83 -1.69 -2.27 28.99
C ALA B 83 -1.76 -3.78 28.94
N ARG B 84 -0.96 -4.42 28.07
CA ARG B 84 -0.85 -5.87 28.09
C ARG B 84 0.44 -6.37 28.73
N GLY B 85 1.11 -5.52 29.51
CA GLY B 85 2.23 -5.94 30.33
C GLY B 85 3.60 -5.83 29.70
N VAL B 86 3.71 -5.22 28.52
CA VAL B 86 4.98 -5.14 27.82
C VAL B 86 5.77 -3.96 28.36
N ASN B 87 7.05 -4.19 28.64
CA ASN B 87 7.97 -3.12 29.04
C ASN B 87 8.44 -2.39 27.78
N CYS B 88 7.99 -1.15 27.61
CA CYS B 88 8.34 -0.35 26.45
C CYS B 88 9.38 0.72 26.77
N ASP B 89 10.05 0.64 27.92
CA ASP B 89 11.00 1.68 28.30
C ASP B 89 12.09 1.84 27.25
N HIS B 90 12.55 0.74 26.67
CA HIS B 90 13.74 0.74 25.82
C HIS B 90 13.39 0.74 24.33
N VAL B 91 12.23 1.26 23.97
CA VAL B 91 11.94 1.58 22.57
C VAL B 91 12.65 2.89 22.25
N LEU B 92 13.53 2.85 21.24
CA LEU B 92 14.20 4.06 20.78
C LEU B 92 13.24 4.87 19.91
N ILE B 93 13.12 6.15 20.21
CA ILE B 93 12.17 7.03 19.53
C ILE B 93 12.97 8.00 18.67
N SER B 94 12.73 7.93 17.36
CA SER B 94 13.41 8.80 16.41
C SER B 94 12.97 10.25 16.56
N GLU B 95 13.94 11.15 16.36
CA GLU B 95 13.66 12.58 16.39
C GLU B 95 12.87 13.02 15.16
N THR B 96 13.08 12.35 14.03
CA THR B 96 12.56 12.83 12.76
C THR B 96 11.76 11.77 12.00
N ALA B 97 12.13 10.51 12.15
CA ALA B 97 11.55 9.45 11.35
C ALA B 97 10.26 8.93 11.97
N HIS B 98 9.34 8.53 11.09
CA HIS B 98 8.09 7.92 11.50
C HIS B 98 8.25 6.40 11.61
N THR B 99 7.39 5.78 12.40
CA THR B 99 7.40 4.33 12.55
C THR B 99 7.31 3.67 11.19
N ALA B 100 8.00 2.53 11.04
CA ALA B 100 7.92 1.77 9.80
C ALA B 100 6.47 1.47 9.45
N ARG B 101 6.21 1.32 8.16
CA ARG B 101 4.88 0.95 7.68
C ARG B 101 4.96 -0.27 6.79
N PHE B 102 4.10 -1.24 7.05
CA PHE B 102 3.94 -2.44 6.24
C PHE B 102 2.62 -2.34 5.49
N THR B 103 2.69 -2.31 4.16
CA THR B 103 1.51 -2.18 3.31
C THR B 103 1.32 -3.50 2.56
N CYS B 104 0.15 -4.11 2.71
CA CYS B 104 -0.08 -5.46 2.22
C CYS B 104 -1.48 -5.61 1.66
N THR B 105 -1.58 -6.32 0.55
CA THR B 105 -2.86 -6.68 -0.05
C THR B 105 -2.93 -8.20 -0.10
N THR B 106 -3.99 -8.76 0.49
CA THR B 106 -4.18 -10.20 0.59
C THR B 106 -5.39 -10.63 -0.23
N ASP B 107 -5.24 -11.73 -0.97
CA ASP B 107 -6.31 -12.23 -1.82
C ASP B 107 -7.00 -13.42 -1.14
N VAL B 108 -7.94 -14.03 -1.87
CA VAL B 108 -8.79 -15.08 -1.31
C VAL B 108 -7.95 -16.24 -0.77
N ASP B 109 -6.85 -16.56 -1.45
CA ASP B 109 -6.03 -17.71 -1.10
C ASP B 109 -4.94 -17.37 -0.09
N MET B 110 -5.04 -16.23 0.59
CA MET B 110 -4.04 -15.78 1.55
C MET B 110 -2.69 -15.49 0.89
N ALA B 111 -2.69 -15.25 -0.42
CA ALA B 111 -1.49 -14.79 -1.10
C ALA B 111 -1.35 -13.28 -0.89
N GLN B 112 -0.10 -12.82 -0.77
CA GLN B 112 0.17 -11.45 -0.34
C GLN B 112 1.07 -10.73 -1.33
N ILE B 113 0.74 -9.47 -1.59
CA ILE B 113 1.60 -8.54 -2.31
C ILE B 113 1.80 -7.34 -1.41
N ALA B 114 3.03 -7.11 -0.98
CA ALA B 114 3.31 -6.16 0.09
C ALA B 114 4.50 -5.28 -0.27
N SER B 115 4.62 -4.20 0.50
CA SER B 115 5.77 -3.31 0.40
C SER B 115 6.05 -2.77 1.80
N PHE B 116 7.34 -2.68 2.15
CA PHE B 116 7.75 -2.35 3.51
C PHE B 116 8.64 -1.11 3.49
N TYR B 117 8.24 -0.09 4.24
CA TYR B 117 9.01 1.13 4.39
C TYR B 117 9.67 1.14 5.76
N PRO B 118 11.00 1.06 5.86
CA PRO B 118 11.61 0.93 7.19
C PRO B 118 11.50 2.18 8.04
N GLY B 119 11.74 3.36 7.48
CA GLY B 119 11.69 4.59 8.25
C GLY B 119 12.48 4.50 9.53
N ALA B 120 11.81 4.75 10.66
CA ALA B 120 12.48 4.77 11.96
C ALA B 120 13.20 3.48 12.30
N MET B 121 12.82 2.35 11.68
CA MET B 121 13.46 1.08 11.99
C MET B 121 14.97 1.16 11.80
N SER B 122 15.43 1.95 10.83
CA SER B 122 16.87 2.02 10.55
C SER B 122 17.67 2.45 11.77
N GLU B 123 17.05 3.17 12.70
CA GLU B 123 17.76 3.66 13.87
C GLU B 123 17.95 2.60 14.96
N ALA B 124 17.39 1.40 14.77
CA ALA B 124 17.57 0.35 15.76
C ALA B 124 19.03 -0.04 15.92
N ARG B 125 19.88 0.26 14.93
CA ARG B 125 21.30 -0.02 15.05
C ARG B 125 21.96 0.80 16.14
N ASN B 126 21.30 1.84 16.64
CA ASN B 126 21.84 2.65 17.72
C ASN B 126 21.40 2.17 19.10
N ILE B 127 20.71 1.04 19.17
CA ILE B 127 20.24 0.49 20.44
C ILE B 127 21.30 -0.45 20.99
N LYS B 128 21.59 -0.31 22.28
CA LYS B 128 22.58 -1.15 22.95
C LYS B 128 21.85 -2.07 23.91
N LEU B 129 21.98 -3.38 23.71
CA LEU B 129 21.38 -4.32 24.63
C LEU B 129 21.99 -4.22 26.01
N ALA B 130 23.23 -3.74 26.10
CA ALA B 130 23.86 -3.53 27.40
C ALA B 130 23.03 -2.58 28.25
N ASP B 131 22.45 -1.55 27.64
CA ASP B 131 21.60 -0.63 28.40
C ASP B 131 20.36 -1.33 28.93
N VAL B 132 19.72 -2.15 28.10
CA VAL B 132 18.55 -2.90 28.56
C VAL B 132 18.94 -3.80 29.72
N VAL B 133 20.04 -4.54 29.59
CA VAL B 133 20.50 -5.40 30.67
C VAL B 133 20.69 -4.58 31.95
N SER B 134 21.49 -3.52 31.84
CA SER B 134 21.67 -2.59 32.96
C SER B 134 20.35 -2.24 33.63
N ALA B 135 19.32 -1.94 32.83
CA ALA B 135 18.08 -1.43 33.40
C ALA B 135 17.23 -2.54 34.03
N ILE B 136 17.19 -3.71 33.43
CA ILE B 136 16.28 -4.78 33.85
C ILE B 136 16.99 -6.06 34.22
N GLY B 137 18.31 -6.13 34.07
CA GLY B 137 19.01 -7.38 34.25
C GLY B 137 19.05 -8.19 32.96
N LYS B 138 19.67 -9.36 33.07
CA LYS B 138 19.90 -10.19 31.90
C LYS B 138 18.62 -10.96 31.54
N PRO B 139 18.06 -10.76 30.34
CA PRO B 139 16.88 -11.53 29.96
C PRO B 139 17.24 -13.00 29.73
N GLU B 140 16.27 -13.87 30.01
CA GLU B 140 16.46 -15.29 29.76
C GLU B 140 16.57 -15.61 28.27
N LEU B 141 16.06 -14.74 27.41
CA LEU B 141 16.14 -14.96 25.97
C LEU B 141 16.00 -13.63 25.26
N VAL B 142 16.78 -13.45 24.19
CA VAL B 142 16.69 -12.29 23.31
C VAL B 142 16.28 -12.77 21.92
N ILE B 143 15.18 -12.25 21.40
CA ILE B 143 14.70 -12.62 20.07
C ILE B 143 15.28 -11.62 19.07
N ILE B 144 16.06 -12.12 18.12
CA ILE B 144 16.62 -11.27 17.06
C ILE B 144 15.67 -11.39 15.87
N GLY B 145 14.60 -10.58 15.91
CA GLY B 145 13.62 -10.59 14.85
C GLY B 145 14.02 -9.71 13.68
N ALA B 146 13.23 -9.79 12.61
CA ALA B 146 13.43 -8.94 11.45
C ALA B 146 13.55 -7.49 11.89
N ASN B 147 14.63 -6.84 11.49
CA ASN B 147 14.99 -5.52 11.98
C ASN B 147 15.89 -4.85 10.95
N ASP B 148 16.38 -3.67 11.30
CA ASP B 148 17.50 -3.08 10.58
C ASP B 148 18.65 -4.10 10.54
N PRO B 149 19.15 -4.48 9.36
CA PRO B 149 20.17 -5.54 9.32
C PRO B 149 21.34 -5.32 10.27
N GLU B 150 21.94 -4.12 10.22
CA GLU B 150 23.05 -3.83 11.11
C GLU B 150 22.63 -3.97 12.56
N ALA B 151 21.41 -3.52 12.89
CA ALA B 151 20.89 -3.73 14.23
C ALA B 151 20.84 -5.22 14.57
N MET B 152 20.42 -6.06 13.62
CA MET B 152 20.37 -7.49 13.87
C MET B 152 21.76 -8.03 14.22
N PHE B 153 22.77 -7.65 13.43
CA PHE B 153 24.12 -8.12 13.69
C PHE B 153 24.63 -7.64 15.04
N LEU B 154 24.42 -6.35 15.33
CA LEU B 154 24.93 -5.80 16.58
C LEU B 154 24.24 -6.44 17.77
N HIS B 155 22.93 -6.68 17.68
CA HIS B 155 22.22 -7.37 18.75
C HIS B 155 22.77 -8.77 18.95
N THR B 156 22.98 -9.52 17.85
CA THR B 156 23.47 -10.89 17.99
C THR B 156 24.85 -10.92 18.62
N GLU B 157 25.76 -10.08 18.10
CA GLU B 157 27.10 -10.01 18.67
C GLU B 157 27.05 -9.60 20.14
N GLU B 158 26.18 -8.65 20.49
CA GLU B 158 26.07 -8.25 21.89
C GLU B 158 25.59 -9.41 22.75
N CYS B 159 24.64 -10.20 22.25
CA CYS B 159 24.20 -11.38 23.00
C CYS B 159 25.35 -12.34 23.23
N ARG B 160 26.18 -12.55 22.21
CA ARG B 160 27.33 -13.43 22.38
C ARG B 160 28.33 -12.83 23.38
N LYS B 161 28.50 -11.51 23.34
CA LYS B 161 29.50 -10.85 24.18
C LYS B 161 29.09 -10.86 25.64
N LEU B 162 27.80 -10.65 25.91
CA LEU B 162 27.26 -10.56 27.26
C LEU B 162 26.82 -11.91 27.81
N GLY B 163 26.88 -12.97 27.01
CA GLY B 163 26.42 -14.27 27.47
C GLY B 163 24.92 -14.42 27.47
N LEU B 164 24.21 -13.70 26.61
CA LEU B 164 22.75 -13.78 26.54
C LEU B 164 22.32 -14.83 25.52
N ALA B 165 21.46 -15.74 25.95
CA ALA B 165 20.85 -16.68 25.01
C ALA B 165 19.94 -15.93 24.05
N PHE B 166 20.02 -16.28 22.77
CA PHE B 166 19.29 -15.55 21.75
C PHE B 166 18.65 -16.51 20.76
N ALA B 167 17.55 -16.07 20.17
CA ALA B 167 16.84 -16.80 19.13
C ALA B 167 17.01 -16.08 17.80
N ALA B 168 17.60 -16.77 16.82
CA ALA B 168 17.75 -16.22 15.49
C ALA B 168 16.43 -16.31 14.75
N ASP B 169 15.92 -15.16 14.30
CA ASP B 169 14.57 -15.09 13.72
C ASP B 169 14.59 -14.09 12.56
N PRO B 170 15.43 -14.34 11.55
CA PRO B 170 15.62 -13.30 10.52
C PRO B 170 14.39 -13.04 9.68
N SER B 171 13.64 -14.08 9.34
CA SER B 171 12.30 -13.95 8.76
C SER B 171 12.39 -13.12 7.48
N GLN B 172 11.65 -12.01 7.35
CA GLN B 172 11.57 -11.29 6.09
C GLN B 172 12.93 -10.83 5.59
N GLN B 173 13.84 -10.48 6.50
CA GLN B 173 15.12 -9.90 6.10
C GLN B 173 16.05 -10.91 5.44
N LEU B 174 15.75 -12.20 5.51
CA LEU B 174 16.60 -13.19 4.85
C LEU B 174 16.77 -12.89 3.38
N ALA B 175 15.72 -12.37 2.73
CA ALA B 175 15.81 -12.01 1.32
C ALA B 175 16.86 -10.91 1.10
N ARG B 176 16.86 -9.90 1.98
CA ARG B 176 17.82 -8.81 1.85
C ARG B 176 19.24 -9.28 2.12
N LEU B 177 19.44 -10.00 3.21
CA LEU B 177 20.77 -10.31 3.70
C LEU B 177 21.54 -11.20 2.72
N SER B 178 22.86 -11.21 2.88
CA SER B 178 23.75 -12.04 2.08
C SER B 178 24.14 -13.29 2.85
N GLY B 179 24.88 -14.17 2.18
CA GLY B 179 25.29 -15.42 2.79
C GLY B 179 26.09 -15.23 4.07
N GLU B 180 27.20 -14.48 3.99
CA GLU B 180 28.02 -14.23 5.17
C GLU B 180 27.19 -13.59 6.28
N GLU B 181 26.29 -12.69 5.91
CA GLU B 181 25.40 -12.05 6.89
C GLU B 181 24.57 -13.08 7.64
N ILE B 182 23.86 -13.92 6.90
CA ILE B 182 23.03 -14.96 7.51
C ILE B 182 23.90 -15.86 8.39
N ARG B 183 25.06 -16.27 7.89
CA ARG B 183 25.98 -17.08 8.68
C ARG B 183 26.31 -16.39 9.99
N ARG B 184 26.59 -15.09 9.94
CA ARG B 184 26.90 -14.32 11.14
C ARG B 184 25.72 -14.28 12.11
N LEU B 185 24.50 -14.47 11.63
CA LEU B 185 23.36 -14.39 12.53
C LEU B 185 23.09 -15.69 13.29
N VAL B 186 23.62 -16.82 12.86
CA VAL B 186 23.13 -18.12 13.30
C VAL B 186 23.94 -18.71 14.44
N ASN B 187 25.27 -18.62 14.39
CA ASN B 187 26.10 -19.38 15.34
C ASN B 187 25.75 -19.05 16.78
N GLY B 188 25.64 -20.10 17.60
CA GLY B 188 25.35 -19.94 19.01
C GLY B 188 23.90 -19.76 19.37
N ALA B 189 23.02 -19.67 18.39
CA ALA B 189 21.60 -19.46 18.68
C ALA B 189 21.05 -20.62 19.50
N ALA B 190 20.25 -20.29 20.52
CA ALA B 190 19.50 -21.32 21.23
C ALA B 190 18.30 -21.78 20.40
N TYR B 191 17.76 -20.92 19.55
CA TYR B 191 16.70 -21.29 18.62
C TYR B 191 16.99 -20.67 17.26
N LEU B 192 16.66 -21.41 16.19
CA LEU B 192 16.60 -20.87 14.85
C LEU B 192 15.17 -21.02 14.34
N PHE B 193 14.52 -19.89 14.05
CA PHE B 193 13.16 -19.87 13.54
C PHE B 193 13.18 -19.47 12.08
N THR B 194 12.57 -20.30 11.24
CA THR B 194 12.25 -19.95 9.86
C THR B 194 11.01 -20.72 9.44
N ASN B 195 10.50 -20.41 8.25
CA ASN B 195 9.57 -21.32 7.58
C ASN B 195 10.37 -22.21 6.64
N ASP B 196 9.68 -23.17 5.99
CA ASP B 196 10.39 -24.16 5.19
C ASP B 196 11.08 -23.51 3.99
N TYR B 197 10.40 -22.60 3.31
CA TYR B 197 11.02 -21.87 2.20
C TYR B 197 12.22 -21.07 2.69
N GLU B 198 12.10 -20.41 3.84
CA GLU B 198 13.22 -19.67 4.40
C GLU B 198 14.34 -20.60 4.81
N TRP B 199 14.02 -21.81 5.29
CA TRP B 199 15.04 -22.79 5.62
C TRP B 199 15.84 -23.18 4.39
N ASP B 200 15.15 -23.48 3.29
CA ASP B 200 15.82 -23.79 2.03
C ASP B 200 16.69 -22.62 1.57
N LEU B 201 16.15 -21.41 1.61
CA LEU B 201 16.90 -20.23 1.18
C LEU B 201 18.14 -20.03 2.04
N LEU B 202 18.02 -20.24 3.35
CA LEU B 202 19.16 -20.09 4.25
C LEU B 202 20.24 -21.10 3.93
N LEU B 203 19.86 -22.36 3.74
CA LEU B 203 20.85 -23.37 3.37
C LEU B 203 21.53 -22.99 2.05
N SER B 204 20.77 -22.50 1.08
CA SER B 204 21.35 -22.12 -0.20
C SER B 204 22.35 -20.97 -0.05
N LYS B 205 21.90 -19.88 0.59
CA LYS B 205 22.72 -18.67 0.62
C LYS B 205 23.94 -18.82 1.51
N THR B 206 23.81 -19.52 2.64
CA THR B 206 24.95 -19.70 3.53
C THR B 206 25.93 -20.73 3.02
N GLY B 207 25.52 -21.59 2.08
CA GLY B 207 26.35 -22.70 1.68
C GLY B 207 26.45 -23.80 2.70
N TRP B 208 25.65 -23.75 3.76
CA TRP B 208 25.69 -24.76 4.81
C TRP B 208 24.80 -25.94 4.47
N SER B 209 25.21 -27.12 4.92
CA SER B 209 24.33 -28.26 4.93
C SER B 209 23.44 -28.22 6.17
N GLU B 210 22.43 -29.11 6.20
CA GLU B 210 21.58 -29.23 7.38
C GLU B 210 22.41 -29.48 8.63
N ALA B 211 23.38 -30.40 8.54
CA ALA B 211 24.21 -30.72 9.69
C ALA B 211 25.15 -29.56 10.05
N ASP B 212 25.56 -28.77 9.07
CA ASP B 212 26.34 -27.57 9.37
C ASP B 212 25.57 -26.65 10.30
N VAL B 213 24.29 -26.39 9.99
CA VAL B 213 23.48 -25.53 10.83
C VAL B 213 23.24 -26.17 12.19
N MET B 214 22.82 -27.44 12.19
CA MET B 214 22.41 -28.08 13.44
C MET B 214 23.55 -28.13 14.45
N ALA B 215 24.80 -28.16 13.98
CA ALA B 215 25.94 -28.20 14.89
C ALA B 215 26.20 -26.86 15.57
N GLN B 216 25.53 -25.78 15.15
CA GLN B 216 25.75 -24.46 15.72
C GLN B 216 24.58 -23.94 16.53
N ILE B 217 23.45 -24.66 16.58
CA ILE B 217 22.27 -24.21 17.29
C ILE B 217 21.79 -25.33 18.21
N ASP B 218 20.96 -24.95 19.19
CA ASP B 218 20.39 -25.91 20.11
C ASP B 218 19.06 -26.49 19.62
N LEU B 219 18.34 -25.78 18.76
CA LEU B 219 17.08 -26.28 18.25
C LEU B 219 16.70 -25.51 16.99
N ARG B 220 16.28 -26.24 15.96
CA ARG B 220 15.70 -25.64 14.76
C ARG B 220 14.18 -25.75 14.83
N VAL B 221 13.50 -24.64 14.57
CA VAL B 221 12.05 -24.59 14.49
C VAL B 221 11.69 -24.12 13.08
N THR B 222 11.05 -24.98 12.31
CA THR B 222 10.70 -24.69 10.92
C THR B 222 9.19 -24.78 10.77
N THR B 223 8.53 -23.63 10.61
CA THR B 223 7.10 -23.61 10.39
C THR B 223 6.80 -24.04 8.96
N LEU B 224 5.66 -24.74 8.80
CA LEU B 224 5.32 -25.36 7.53
C LEU B 224 3.94 -24.94 7.06
N GLY B 225 3.47 -23.78 7.48
CA GLY B 225 2.16 -23.31 7.10
C GLY B 225 1.06 -24.26 7.54
N PRO B 226 0.26 -24.75 6.60
CA PRO B 226 -0.83 -25.67 6.99
C PRO B 226 -0.35 -27.03 7.46
N LYS B 227 0.86 -27.43 7.12
CA LYS B 227 1.36 -28.72 7.57
C LYS B 227 1.95 -28.68 8.97
N GLY B 228 1.82 -27.56 9.67
CA GLY B 228 2.20 -27.48 11.08
C GLY B 228 3.61 -26.91 11.25
N VAL B 229 4.42 -27.57 12.07
CA VAL B 229 5.74 -27.08 12.44
C VAL B 229 6.61 -28.27 12.80
N ASP B 230 7.91 -28.15 12.51
CA ASP B 230 8.91 -29.14 12.88
C ASP B 230 9.85 -28.54 13.92
N LEU B 231 10.19 -29.36 14.92
CA LEU B 231 11.17 -29.01 15.95
C LEU B 231 12.25 -30.08 15.90
N VAL B 232 13.46 -29.69 15.49
CA VAL B 232 14.55 -30.62 15.24
C VAL B 232 15.69 -30.29 16.19
N GLU B 233 16.10 -31.28 16.98
CA GLU B 233 17.27 -31.17 17.83
C GLU B 233 18.52 -31.53 17.05
N PRO B 234 19.70 -31.11 17.52
CA PRO B 234 20.93 -31.43 16.78
C PRO B 234 21.15 -32.92 16.56
N ASP B 235 20.75 -33.76 17.52
CA ASP B 235 20.95 -35.20 17.36
C ASP B 235 19.95 -35.85 16.41
N GLY B 236 19.04 -35.06 15.82
CA GLY B 236 18.07 -35.57 14.88
C GLY B 236 16.69 -35.81 15.46
N THR B 237 16.55 -35.81 16.78
CA THR B 237 15.23 -35.94 17.39
C THR B 237 14.30 -34.87 16.82
N THR B 238 13.16 -35.31 16.30
CA THR B 238 12.25 -34.44 15.57
C THR B 238 10.84 -34.61 16.09
N ILE B 239 10.20 -33.50 16.43
CA ILE B 239 8.80 -33.46 16.84
C ILE B 239 8.02 -32.71 15.78
N HIS B 240 6.94 -33.30 15.30
CA HIS B 240 6.04 -32.67 14.36
C HIS B 240 4.72 -32.35 15.06
N VAL B 241 4.26 -31.12 14.93
CA VAL B 241 3.01 -30.67 15.56
C VAL B 241 2.13 -30.12 14.46
N GLY B 242 0.98 -30.76 14.24
CA GLY B 242 0.04 -30.25 13.28
C GLY B 242 -0.62 -28.97 13.76
N VAL B 243 -1.21 -28.25 12.81
CA VAL B 243 -1.87 -27.00 13.13
C VAL B 243 -3.11 -27.25 13.99
N VAL B 244 -3.55 -26.22 14.68
CA VAL B 244 -4.91 -26.19 15.21
C VAL B 244 -5.80 -25.86 14.02
N PRO B 245 -6.67 -26.77 13.58
CA PRO B 245 -7.46 -26.49 12.36
C PRO B 245 -8.29 -25.23 12.52
N GLU B 246 -8.30 -24.43 11.45
CA GLU B 246 -8.97 -23.14 11.46
C GLU B 246 -10.42 -23.28 11.04
N THR B 247 -11.25 -22.33 11.51
CA THR B 247 -12.60 -22.18 11.01
C THR B 247 -12.69 -21.16 9.89
N SER B 248 -11.65 -20.35 9.68
CA SER B 248 -11.60 -19.42 8.55
C SER B 248 -10.15 -19.01 8.32
N GLN B 249 -9.83 -18.68 7.07
CA GLN B 249 -8.55 -18.09 6.72
C GLN B 249 -8.80 -16.60 6.48
N THR B 250 -8.68 -15.81 7.54
CA THR B 250 -8.97 -14.38 7.46
C THR B 250 -7.79 -13.61 6.87
N ASP B 251 -6.61 -13.72 7.51
CA ASP B 251 -5.43 -12.99 7.07
C ASP B 251 -4.17 -13.63 7.64
N PRO B 252 -3.18 -13.96 6.81
CA PRO B 252 -2.00 -14.68 7.31
C PRO B 252 -0.97 -13.79 8.00
N THR B 253 -1.11 -12.47 7.95
CA THR B 253 -0.11 -11.57 8.53
C THR B 253 0.07 -11.86 10.02
N GLY B 254 1.33 -12.03 10.43
CA GLY B 254 1.66 -12.20 11.83
C GLY B 254 1.40 -13.58 12.41
N VAL B 255 1.04 -14.56 11.58
CA VAL B 255 0.78 -15.90 12.11
C VAL B 255 2.08 -16.51 12.65
N GLY B 256 3.19 -16.35 11.92
CA GLY B 256 4.46 -16.87 12.41
C GLY B 256 4.92 -16.21 13.69
N ASP B 257 4.77 -14.88 13.77
CA ASP B 257 5.11 -14.18 15.01
C ASP B 257 4.31 -14.74 16.18
N ALA B 258 3.01 -14.97 15.97
CA ALA B 258 2.17 -15.50 17.04
C ALA B 258 2.60 -16.90 17.44
N PHE B 259 2.95 -17.75 16.46
CA PHE B 259 3.46 -19.06 16.81
C PHE B 259 4.71 -18.96 17.66
N ARG B 260 5.68 -18.15 17.22
CA ARG B 260 6.91 -17.99 17.99
C ARG B 260 6.62 -17.52 19.40
N ALA B 261 5.71 -16.56 19.54
CA ALA B 261 5.42 -15.99 20.86
C ALA B 261 4.77 -17.02 21.76
N GLY B 262 3.78 -17.76 21.25
CA GLY B 262 3.17 -18.79 22.07
C GLY B 262 4.14 -19.90 22.43
N PHE B 263 4.97 -20.31 21.47
CA PHE B 263 5.96 -21.35 21.72
C PHE B 263 6.95 -20.93 22.79
N LEU B 264 7.51 -19.72 22.66
CA LEU B 264 8.51 -19.27 23.63
C LEU B 264 7.90 -18.93 24.98
N THR B 265 6.63 -18.50 25.00
CA THR B 265 5.93 -18.36 26.28
C THR B 265 5.80 -19.71 26.95
N GLY B 266 5.39 -20.73 26.19
CA GLY B 266 5.31 -22.07 26.76
C GLY B 266 6.65 -22.54 27.31
N ARG B 267 7.72 -22.33 26.53
CA ARG B 267 9.05 -22.74 26.98
C ARG B 267 9.45 -21.97 28.24
N SER B 268 9.08 -20.70 28.33
CA SER B 268 9.40 -19.92 29.52
C SER B 268 8.60 -20.39 30.72
N ALA B 269 7.42 -20.97 30.49
CA ALA B 269 6.62 -21.55 31.54
C ALA B 269 7.04 -22.98 31.90
N GLY B 270 8.14 -23.47 31.33
CA GLY B 270 8.65 -24.79 31.65
C GLY B 270 8.00 -25.94 30.91
N LEU B 271 7.21 -25.66 29.87
CA LEU B 271 6.62 -26.73 29.09
C LEU B 271 7.65 -27.39 28.19
N GLY B 272 7.39 -28.64 27.83
CA GLY B 272 8.22 -29.34 26.88
C GLY B 272 8.11 -28.73 25.49
N LEU B 273 8.89 -29.29 24.57
CA LEU B 273 8.91 -28.76 23.20
C LEU B 273 7.56 -28.95 22.52
N GLU B 274 6.98 -30.15 22.62
CA GLU B 274 5.72 -30.43 21.93
C GLU B 274 4.57 -29.61 22.49
N ARG B 275 4.48 -29.51 23.82
CA ARG B 275 3.41 -28.71 24.43
C ARG B 275 3.56 -27.24 24.07
N SER B 276 4.79 -26.73 24.07
CA SER B 276 5.03 -25.36 23.68
C SER B 276 4.62 -25.12 22.24
N ALA B 277 4.95 -26.05 21.35
CA ALA B 277 4.56 -25.89 19.95
C ALA B 277 3.05 -25.97 19.78
N GLN B 278 2.36 -26.76 20.61
CA GLN B 278 0.91 -26.82 20.56
C GLN B 278 0.29 -25.48 20.98
N LEU B 279 0.80 -24.90 22.06
CA LEU B 279 0.35 -23.56 22.45
C LEU B 279 0.60 -22.55 21.32
N GLY B 280 1.78 -22.62 20.71
CA GLY B 280 2.10 -21.74 19.60
C GLY B 280 1.14 -21.92 18.44
N SER B 281 0.78 -23.18 18.15
CA SER B 281 -0.18 -23.45 17.09
C SER B 281 -1.53 -22.81 17.41
N LEU B 282 -1.94 -22.84 18.68
CA LEU B 282 -3.19 -22.20 19.05
C LEU B 282 -3.15 -20.71 18.78
N VAL B 283 -2.11 -20.02 19.28
CA VAL B 283 -2.04 -18.58 19.08
C VAL B 283 -1.95 -18.26 17.59
N ALA B 284 -1.23 -19.11 16.84
CA ALA B 284 -1.10 -18.90 15.40
C ALA B 284 -2.46 -18.95 14.73
N VAL B 285 -3.29 -19.93 15.08
CA VAL B 285 -4.59 -20.01 14.42
C VAL B 285 -5.47 -18.84 14.84
N LEU B 286 -5.36 -18.39 16.09
CA LEU B 286 -6.13 -17.23 16.51
C LEU B 286 -5.75 -16.02 15.67
N VAL B 287 -4.47 -15.88 15.31
CA VAL B 287 -4.06 -14.76 14.47
C VAL B 287 -4.53 -14.96 13.04
N LEU B 288 -4.47 -16.21 12.54
CA LEU B 288 -4.93 -16.50 11.19
C LEU B 288 -6.40 -16.16 11.00
N GLU B 289 -7.19 -16.25 12.08
CA GLU B 289 -8.63 -16.10 12.00
C GLU B 289 -9.10 -14.67 12.26
N SER B 290 -8.17 -13.71 12.30
CA SER B 290 -8.53 -12.31 12.48
C SER B 290 -7.71 -11.45 11.54
N THR B 291 -8.18 -10.22 11.33
CA THR B 291 -7.46 -9.26 10.51
C THR B 291 -6.58 -8.41 11.41
N GLY B 292 -5.31 -8.30 11.06
CA GLY B 292 -4.34 -7.67 11.92
C GLY B 292 -3.63 -8.66 12.81
N THR B 293 -2.48 -8.25 13.32
CA THR B 293 -1.59 -9.15 14.04
C THR B 293 -1.86 -9.23 15.53
N GLN B 294 -2.49 -8.20 16.11
CA GLN B 294 -2.73 -8.12 17.54
C GLN B 294 -4.21 -7.88 17.84
N GLU B 295 -5.08 -8.17 16.88
CA GLU B 295 -6.52 -8.00 17.04
C GLU B 295 -7.20 -9.22 17.63
N TRP B 296 -6.46 -10.30 17.84
CA TRP B 296 -7.03 -11.53 18.38
C TRP B 296 -7.25 -11.42 19.88
N GLN B 297 -8.31 -12.09 20.35
CA GLN B 297 -8.62 -12.13 21.77
C GLN B 297 -8.17 -13.45 22.36
N TRP B 298 -7.86 -13.42 23.66
CA TRP B 298 -7.48 -14.61 24.41
C TRP B 298 -8.65 -15.04 25.28
N ASP B 299 -9.25 -16.18 24.94
CA ASP B 299 -10.34 -16.77 25.71
C ASP B 299 -9.82 -18.09 26.30
N TYR B 300 -9.68 -18.13 27.63
CA TYR B 300 -9.11 -19.29 28.29
C TYR B 300 -9.87 -20.57 27.96
N GLU B 301 -11.20 -20.54 28.06
CA GLU B 301 -11.98 -21.75 27.84
C GLU B 301 -11.93 -22.16 26.36
N ALA B 302 -12.04 -21.19 25.45
CA ALA B 302 -11.92 -21.52 24.02
C ALA B 302 -10.55 -22.09 23.71
N ALA B 303 -9.50 -21.57 24.35
CA ALA B 303 -8.15 -22.11 24.16
C ALA B 303 -8.08 -23.55 24.63
N ALA B 304 -8.54 -23.81 25.85
CA ALA B 304 -8.54 -25.18 26.37
C ALA B 304 -9.28 -26.12 25.43
N SER B 305 -10.47 -25.70 24.97
CA SER B 305 -11.30 -26.57 24.14
C SER B 305 -10.63 -26.88 22.81
N ARG B 306 -10.09 -25.85 22.13
CA ARG B 306 -9.50 -26.11 20.82
C ARG B 306 -8.20 -26.91 20.96
N LEU B 307 -7.41 -26.64 22.00
CA LEU B 307 -6.22 -27.46 22.25
C LEU B 307 -6.61 -28.92 22.48
N ALA B 308 -7.69 -29.16 23.23
CA ALA B 308 -8.11 -30.53 23.50
C ALA B 308 -8.62 -31.20 22.23
N GLY B 309 -9.37 -30.47 21.41
CA GLY B 309 -9.86 -31.04 20.17
C GLY B 309 -8.74 -31.40 19.22
N ALA B 310 -7.67 -30.59 19.17
CA ALA B 310 -6.60 -30.87 18.22
C ALA B 310 -5.59 -31.88 18.76
N TYR B 311 -5.31 -31.83 20.07
CA TYR B 311 -4.18 -32.55 20.63
C TYR B 311 -4.55 -33.46 21.81
N GLY B 312 -5.81 -33.49 22.21
CA GLY B 312 -6.22 -34.36 23.31
C GLY B 312 -6.36 -33.60 24.61
N GLU B 313 -7.25 -34.09 25.48
CA GLU B 313 -7.54 -33.40 26.73
C GLU B 313 -6.32 -33.32 27.63
N HIS B 314 -5.47 -34.34 27.62
CA HIS B 314 -4.28 -34.35 28.47
C HIS B 314 -3.35 -33.19 28.14
N ALA B 315 -2.99 -33.06 26.86
CA ALA B 315 -2.11 -31.97 26.44
C ALA B 315 -2.75 -30.62 26.73
N ALA B 316 -4.07 -30.51 26.50
CA ALA B 316 -4.75 -29.25 26.74
C ALA B 316 -4.67 -28.84 28.21
N ALA B 317 -4.93 -29.80 29.11
CA ALA B 317 -4.84 -29.51 30.54
C ALA B 317 -3.41 -29.10 30.92
N GLU B 318 -2.41 -29.85 30.43
CA GLU B 318 -1.03 -29.48 30.73
C GLU B 318 -0.71 -28.07 30.26
N ILE B 319 -1.21 -27.68 29.09
CA ILE B 319 -0.90 -26.36 28.55
C ILE B 319 -1.59 -25.28 29.37
N VAL B 320 -2.89 -25.43 29.60
CA VAL B 320 -3.64 -24.38 30.27
C VAL B 320 -3.26 -24.26 31.74
N ALA B 321 -2.66 -25.31 32.33
CA ALA B 321 -2.26 -25.24 33.72
C ALA B 321 -1.24 -24.14 34.00
N VAL B 322 -0.54 -23.65 32.97
CA VAL B 322 0.52 -22.68 33.16
C VAL B 322 0.10 -21.28 32.74
N LEU B 323 -1.18 -21.05 32.49
CA LEU B 323 -1.66 -19.74 32.04
C LEU B 323 -2.82 -19.25 32.90
N1 ERP C . -10.73 4.85 -9.54
N3 ERP C . -9.58 6.76 -9.07
C4 ERP C . -8.44 6.11 -8.99
C5 ERP C . -8.42 4.79 -9.21
C6 ERP C . -9.65 4.14 -9.51
C8 ERP C . -6.46 5.45 -8.79
C20 ERP C . -9.68 1.46 -9.97
C21 ERP C . -9.70 -0.07 -10.24
C22 ERP C . -10.87 -0.69 -10.69
C24 ERP C . -9.75 -2.82 -10.71
C26 ERP C . -8.56 -0.81 -10.03
C28 ERP C . -10.04 -5.21 -9.94
C1' ERP C . -6.79 7.80 -8.54
C19 ERP C . -9.66 2.59 -9.77
C2 ERP C . -10.71 6.12 -9.33
C2' ERP C . -5.52 8.12 -7.58
C23 ERP C . -10.88 -2.08 -10.92
C25 ERP C . -8.59 -2.21 -10.26
C27 ERP C . -9.77 -4.35 -10.97
C29 ERP C . -10.06 -6.56 -10.17
C3' ERP C . -4.74 8.88 -8.23
C30 ERP C . -9.80 -7.06 -11.47
C31 ERP C . -9.53 -6.19 -12.49
C32 ERP C . -9.52 -4.85 -12.27
C4' ERP C . -5.38 9.13 -9.60
C5' ERP C . -4.40 9.10 -10.59
N7 ERP C . -7.18 4.41 -9.08
N9 ERP C . -7.20 6.48 -8.71
O2' ERP C . -6.18 8.67 -6.47
O3' ERP C . -4.42 10.22 -7.74
O4' ERP C . -6.30 7.99 -9.67
O5' ERP C . -4.89 9.64 -11.78
S SO4 D . -2.52 7.79 -17.76
O1 SO4 D . -1.58 8.35 -16.79
O2 SO4 D . -2.81 8.79 -18.80
O3 SO4 D . -3.75 7.43 -17.08
O4 SO4 D . -1.94 6.60 -18.38
NA NA E . 3.65 12.40 -10.34
N1 ERP F . 11.14 -6.17 8.08
N3 ERP F . 9.38 -6.25 9.52
C4 ERP F . 8.52 -6.49 8.56
C5 ERP F . 8.99 -6.60 7.29
C6 ERP F . 10.38 -6.45 7.08
C8 ERP F . 6.86 -6.89 7.30
C20 ERP F . 11.39 -6.65 4.55
C21 ERP F . 11.96 -6.77 3.12
C22 ERP F . 11.10 -6.76 2.01
C24 ERP F . 12.98 -6.98 0.52
C26 ERP F . 13.31 -6.88 2.93
C28 ERP F . 13.81 -5.96 -1.63
C1' ERP F . 6.36 -6.72 9.63
C19 ERP F . 10.96 -6.56 5.62
C2 ERP F . 10.66 -6.09 9.28
C2' ERP F . 4.84 -6.22 9.55
C23 ERP F . 11.62 -6.87 0.71
C25 ERP F . 13.84 -6.99 1.62
C27 ERP F . 13.56 -7.10 -0.90
C29 ERP F . 14.32 -6.06 -2.90
C3' ERP F . 4.12 -7.12 10.10
C30 ERP F . 14.58 -7.33 -3.45
C31 ERP F . 14.32 -8.47 -2.72
C32 ERP F . 13.81 -8.37 -1.46
C4' ERP F . 5.07 -8.25 10.53
C5' ERP F . 4.51 -9.46 10.19
N7 ERP F . 7.92 -6.85 6.56
N9 ERP F . 7.19 -6.66 8.52
O2' ERP F . 4.93 -4.99 10.22
O3' ERP F . 3.36 -6.85 11.32
O4' ERP F . 6.23 -7.96 9.69
O5' ERP F . 5.24 -10.50 10.76
S SO4 G . 5.52 -16.73 8.25
O1 SO4 G . 6.51 -15.69 7.96
O2 SO4 G . 5.40 -17.61 7.08
O3 SO4 G . 4.24 -16.10 8.54
O4 SO4 G . 5.97 -17.53 9.40
NA NA H . -3.81 -11.96 10.74
#